data_6QP1
#
_entry.id   6QP1
#
_cell.length_a   55.466
_cell.length_b   115.456
_cell.length_c   118.962
_cell.angle_alpha   90.000
_cell.angle_beta   90.000
_cell.angle_gamma   90.000
#
_symmetry.space_group_name_H-M   'P 21 21 21'
#
loop_
_entity.id
_entity.type
_entity.pdbx_description
1 polymer Aminotransferase
2 non-polymer '[5-hydroxy-6-methyl-4-({[(4E)-3-oxo-1,2-oxazolidin-4-ylidene]amino}methyl)pyridin-3-yl]methyl dihydrogen phosphate'
3 water water
#
_entity_poly.entity_id   1
_entity_poly.type   'polypeptide(L)'
_entity_poly.pdbx_seq_one_letter_code
;MGGGFAVNYNFDEIIDRRYTNAMNVEGYKGYLFGDADTSDLKDNDELIRMWVADMDFGTPEVVLNAIRERLNKKILGYTN
VFGSEYYEAFVSWTKKRYGFTFSQEHLVFSHGIVAGLIELVGYICDKDDKALIVTPSYGPFKMACDKNHISTVYSPLINH
HGYYEIDFDDVRKKVETENIKLCIFANPHNPTGRVWSEEELATLGQIMKENDVWLISDEIHCDIKRSGQSHIPFAKAVPD
YDKIITTMSQSKAFNIAGLMFSNIIIQNESLLKTWNTHHFGTENPLSVVATQAAYEKGEGWLQAMNHYLDDNFNYLADFL
EKELPHAEFKIPEATYLAWVDLSYYIKEKDIDESMAKFFIKNAGVIIEGAEQFVHNAEGHIRINIAVPREVMKKGLQKIK
AALVENLYFQGHHHHHHHHHH
;
_entity_poly.pdbx_strand_id   A,B
#
loop_
_chem_comp.id
_chem_comp.type
_chem_comp.name
_chem_comp.formula
LCS non-polymer '[5-hydroxy-6-methyl-4-({[(4E)-3-oxo-1,2-oxazolidin-4-ylidene]amino}methyl)pyridin-3-yl]methyl dihydrogen phosphate' 'C11 H14 N3 O7 P'
#
# COMPACT_ATOMS: atom_id res chain seq x y z
N TYR A 9 -19.30 -5.51 25.25
CA TYR A 9 -18.45 -4.44 24.68
C TYR A 9 -18.58 -3.20 25.55
N ASN A 10 -17.51 -2.42 25.60
CA ASN A 10 -17.53 -1.17 26.38
C ASN A 10 -17.09 0.00 25.47
N PHE A 11 -18.04 0.58 24.76
CA PHE A 11 -17.76 1.72 23.90
C PHE A 11 -17.42 2.96 24.73
N ASP A 12 -17.68 2.94 26.06
CA ASP A 12 -17.26 4.07 26.93
C ASP A 12 -15.76 4.10 27.20
N GLU A 13 -15.02 3.01 26.88
CA GLU A 13 -13.62 2.90 27.20
C GLU A 13 -12.86 4.09 26.59
N ILE A 14 -12.02 4.71 27.42
CA ILE A 14 -11.10 5.71 26.97
C ILE A 14 -9.79 5.01 26.57
N ILE A 15 -9.51 5.03 25.27
CA ILE A 15 -8.29 4.36 24.70
C ILE A 15 -7.23 5.42 24.38
N ASP A 16 -6.05 5.26 24.94
CA ASP A 16 -4.99 6.19 24.77
C ASP A 16 -4.49 6.06 23.35
N ARG A 17 -4.42 7.19 22.63
CA ARG A 17 -3.95 7.20 21.21
C ARG A 17 -2.63 7.94 21.07
N ARG A 18 -2.07 8.39 22.19
CA ARG A 18 -0.79 9.02 22.14
C ARG A 18 0.27 7.96 21.81
N TYR A 19 1.37 8.43 21.21
CA TYR A 19 2.56 7.62 20.91
C TYR A 19 2.22 6.48 19.93
N THR A 20 1.21 6.70 19.07
CA THR A 20 0.85 5.70 18.06
C THR A 20 0.95 6.24 16.62
N ASN A 21 1.56 7.42 16.44
CA ASN A 21 1.75 8.03 15.12
C ASN A 21 0.38 8.22 14.43
N ALA A 22 -0.69 8.35 15.25
CA ALA A 22 -2.06 8.51 14.73
C ALA A 22 -2.23 9.92 14.17
N MET A 23 -2.63 10.03 12.91
N MET A 23 -2.71 10.00 12.94
CA MET A 23 -2.96 11.34 12.32
CA MET A 23 -2.94 11.28 12.27
C MET A 23 -3.89 12.12 13.24
C MET A 23 -3.97 12.11 13.06
N ASN A 24 -4.92 11.44 13.70
CA ASN A 24 -5.98 12.07 14.52
C ASN A 24 -5.35 12.86 15.68
N VAL A 25 -4.28 12.35 16.29
CA VAL A 25 -3.64 12.96 17.43
C VAL A 25 -2.52 13.91 17.01
N GLU A 26 -1.73 13.52 16.00
CA GLU A 26 -0.48 14.24 15.68
C GLU A 26 -0.62 15.27 14.54
N GLY A 27 -1.68 15.20 13.76
CA GLY A 27 -1.64 15.80 12.42
C GLY A 27 -2.44 17.07 12.24
N TYR A 28 -3.21 17.48 13.25
CA TYR A 28 -4.28 18.46 12.97
C TYR A 28 -3.68 19.83 12.69
N LYS A 29 -2.51 20.10 13.28
CA LYS A 29 -1.74 21.34 13.03
C LYS A 29 -0.97 21.20 11.70
N GLY A 30 -1.61 20.59 10.70
CA GLY A 30 -0.98 20.20 9.44
C GLY A 30 -2.01 19.95 8.35
N TYR A 31 -3.06 19.18 8.68
CA TYR A 31 -4.26 18.99 7.84
C TYR A 31 -4.92 20.36 7.57
N LEU A 32 -4.67 21.33 8.46
CA LEU A 32 -4.85 22.77 8.20
C LEU A 32 -4.16 23.56 9.31
N LEU A 47 -6.77 18.77 24.12
CA LEU A 47 -7.72 19.04 23.01
C LEU A 47 -8.68 17.88 22.79
N ILE A 48 -9.93 18.16 22.47
CA ILE A 48 -10.90 17.14 22.21
C ILE A 48 -10.95 16.97 20.69
N ARG A 49 -10.70 15.71 20.27
CA ARG A 49 -10.62 15.39 18.87
C ARG A 49 -11.96 14.88 18.32
N MET A 50 -12.50 15.62 17.35
CA MET A 50 -13.78 15.24 16.72
C MET A 50 -13.75 15.60 15.22
N TRP A 51 -12.66 15.19 14.55
CA TRP A 51 -12.31 15.75 13.22
C TRP A 51 -12.19 14.61 12.19
N VAL A 52 -10.97 14.09 11.97
CA VAL A 52 -10.76 13.08 10.97
C VAL A 52 -11.57 11.82 11.26
N ALA A 53 -11.99 11.16 10.18
CA ALA A 53 -12.91 10.03 10.28
C ALA A 53 -12.18 8.71 10.52
N ASP A 54 -11.61 8.54 11.72
CA ASP A 54 -11.45 7.22 12.33
C ASP A 54 -12.11 7.26 13.70
N MET A 55 -12.27 6.12 14.35
CA MET A 55 -13.04 6.04 15.61
CA MET A 55 -13.03 6.06 15.59
C MET A 55 -12.08 6.06 16.82
N ASP A 56 -12.60 6.51 17.95
CA ASP A 56 -11.88 6.33 19.20
C ASP A 56 -12.32 5.04 19.90
N PHE A 57 -13.23 4.28 19.31
CA PHE A 57 -13.59 2.97 19.73
C PHE A 57 -12.47 2.02 19.32
N GLY A 58 -12.23 0.98 20.12
CA GLY A 58 -11.23 -0.03 19.74
C GLY A 58 -11.69 -0.82 18.53
N THR A 59 -10.72 -1.08 17.62
CA THR A 59 -10.89 -2.14 16.66
C THR A 59 -11.28 -3.41 17.42
N PRO A 60 -12.31 -4.15 16.99
CA PRO A 60 -12.79 -5.25 17.82
C PRO A 60 -11.76 -6.36 17.99
N GLU A 61 -11.82 -7.02 19.15
CA GLU A 61 -10.89 -8.06 19.46
C GLU A 61 -10.98 -9.21 18.47
N VAL A 62 -12.13 -9.45 17.85
CA VAL A 62 -12.25 -10.58 16.89
C VAL A 62 -11.33 -10.31 15.69
N VAL A 63 -11.16 -9.02 15.36
CA VAL A 63 -10.27 -8.62 14.29
C VAL A 63 -8.82 -8.62 14.80
N LEU A 64 -8.55 -8.03 15.94
CA LEU A 64 -7.19 -7.97 16.45
C LEU A 64 -6.64 -9.39 16.63
N ASN A 65 -7.47 -10.30 17.13
CA ASN A 65 -7.07 -11.69 17.40
C ASN A 65 -6.77 -12.43 16.11
N ALA A 66 -7.42 -12.08 15.00
CA ALA A 66 -7.10 -12.69 13.71
C ALA A 66 -5.70 -12.26 13.27
N ILE A 67 -5.41 -10.96 13.46
CA ILE A 67 -4.05 -10.48 13.15
C ILE A 67 -3.01 -11.19 14.03
N ARG A 68 -3.30 -11.33 15.35
CA ARG A 68 -2.41 -12.05 16.27
C ARG A 68 -2.19 -13.49 15.79
N GLU A 69 -3.23 -14.16 15.34
CA GLU A 69 -3.11 -15.55 14.88
C GLU A 69 -2.19 -15.62 13.66
N ARG A 70 -2.30 -14.62 12.81
CA ARG A 70 -1.48 -14.57 11.61
C ARG A 70 -0.02 -14.31 11.96
N LEU A 71 0.30 -13.52 13.00
CA LEU A 71 1.66 -13.33 13.44
C LEU A 71 2.26 -14.66 13.91
N ASN A 72 1.41 -15.55 14.44
CA ASN A 72 1.90 -16.81 15.01
C ASN A 72 2.38 -17.74 13.89
N LYS A 73 2.04 -17.44 12.62
CA LYS A 73 2.51 -18.17 11.46
C LYS A 73 3.90 -17.67 11.01
N LYS A 74 4.41 -16.61 11.65
CA LYS A 74 5.84 -16.27 11.77
C LYS A 74 6.40 -15.53 10.55
N ILE A 75 5.88 -15.74 9.36
CA ILE A 75 6.44 -15.16 8.15
C ILE A 75 5.47 -14.13 7.58
N LEU A 76 6.00 -12.95 7.24
CA LEU A 76 5.14 -11.90 6.67
C LEU A 76 5.62 -11.56 5.26
N GLY A 77 5.58 -12.56 4.38
CA GLY A 77 6.08 -12.42 3.05
C GLY A 77 5.04 -11.96 2.06
N TYR A 78 5.37 -12.12 0.78
CA TYR A 78 4.53 -11.65 -0.28
C TYR A 78 3.17 -12.34 -0.22
N THR A 79 2.11 -11.54 -0.36
CA THR A 79 0.76 -12.05 -0.16
C THR A 79 -0.16 -11.53 -1.25
N ASN A 80 -1.13 -12.35 -1.63
N ASN A 80 -1.14 -12.34 -1.66
CA ASN A 80 -2.23 -11.90 -2.45
CA ASN A 80 -2.24 -11.85 -2.45
C ASN A 80 -3.49 -12.62 -1.98
C ASN A 80 -3.45 -12.70 -2.11
N VAL A 81 -4.62 -12.34 -2.66
CA VAL A 81 -5.86 -12.99 -2.33
C VAL A 81 -6.02 -14.19 -3.26
N PHE A 82 -5.80 -15.37 -2.71
CA PHE A 82 -5.81 -16.61 -3.50
C PHE A 82 -7.04 -17.43 -3.10
N GLY A 83 -7.49 -18.24 -4.05
CA GLY A 83 -8.66 -19.04 -3.87
C GLY A 83 -9.88 -18.17 -3.65
N SER A 84 -10.86 -18.75 -2.96
CA SER A 84 -12.19 -18.16 -2.94
C SER A 84 -12.71 -17.86 -1.52
N GLU A 85 -11.94 -18.13 -0.47
CA GLU A 85 -12.46 -17.98 0.92
C GLU A 85 -12.76 -16.49 1.21
N TYR A 86 -11.90 -15.59 0.73
CA TYR A 86 -12.13 -14.13 0.93
C TYR A 86 -13.41 -13.69 0.21
N TYR A 87 -13.49 -14.00 -1.08
CA TYR A 87 -14.65 -13.71 -1.89
C TYR A 87 -15.90 -14.25 -1.21
N GLU A 88 -15.87 -15.53 -0.80
CA GLU A 88 -17.02 -16.11 -0.10
C GLU A 88 -17.42 -15.29 1.13
N ALA A 89 -16.46 -14.83 1.91
CA ALA A 89 -16.72 -14.03 3.09
C ALA A 89 -17.40 -12.71 2.72
N PHE A 90 -16.82 -12.00 1.74
CA PHE A 90 -17.30 -10.68 1.35
C PHE A 90 -18.70 -10.77 0.74
N VAL A 91 -18.87 -11.68 -0.22
CA VAL A 91 -20.15 -11.77 -0.89
C VAL A 91 -21.23 -12.32 0.06
N SER A 92 -20.87 -13.14 1.04
N SER A 92 -20.86 -13.18 0.99
CA SER A 92 -21.88 -13.59 2.06
CA SER A 92 -21.82 -13.60 2.04
C SER A 92 -22.36 -12.40 2.90
C SER A 92 -22.38 -12.35 2.75
N TRP A 93 -21.46 -11.43 3.12
CA TRP A 93 -21.79 -10.22 3.86
C TRP A 93 -22.76 -9.37 3.03
N THR A 94 -22.45 -9.14 1.75
CA THR A 94 -23.26 -8.26 0.92
C THR A 94 -24.64 -8.90 0.64
N LYS A 95 -24.66 -10.24 0.48
CA LYS A 95 -25.90 -10.97 0.23
C LYS A 95 -26.80 -10.84 1.45
N LYS A 96 -26.25 -11.21 2.62
CA LYS A 96 -26.97 -11.23 3.89
C LYS A 96 -27.52 -9.83 4.14
N ARG A 97 -26.70 -8.80 3.96
CA ARG A 97 -27.05 -7.51 4.51
C ARG A 97 -27.85 -6.68 3.51
N TYR A 98 -27.56 -6.76 2.21
CA TYR A 98 -28.21 -5.90 1.22
C TYR A 98 -28.88 -6.70 0.10
N GLY A 99 -28.84 -8.03 0.16
CA GLY A 99 -29.25 -8.86 -0.99
C GLY A 99 -28.49 -8.56 -2.28
N PHE A 100 -27.21 -8.19 -2.14
CA PHE A 100 -26.34 -7.88 -3.23
C PHE A 100 -25.30 -8.99 -3.46
N THR A 101 -25.25 -9.49 -4.68
CA THR A 101 -24.25 -10.45 -5.14
C THR A 101 -23.52 -9.91 -6.36
N PHE A 102 -22.31 -10.42 -6.55
CA PHE A 102 -21.47 -10.07 -7.66
C PHE A 102 -20.53 -11.26 -7.92
N SER A 103 -19.84 -11.22 -9.08
CA SER A 103 -18.95 -12.29 -9.58
C SER A 103 -17.54 -12.17 -9.01
N GLN A 104 -16.93 -13.30 -8.67
CA GLN A 104 -15.60 -13.34 -8.07
C GLN A 104 -14.65 -12.69 -9.07
N GLU A 105 -14.86 -12.95 -10.36
CA GLU A 105 -13.87 -12.46 -11.35
C GLU A 105 -13.86 -10.93 -11.36
N HIS A 106 -14.94 -10.28 -10.90
CA HIS A 106 -15.07 -8.83 -10.97
C HIS A 106 -14.47 -8.12 -9.74
N LEU A 107 -14.04 -8.87 -8.75
CA LEU A 107 -13.48 -8.34 -7.50
C LEU A 107 -11.96 -8.18 -7.64
N VAL A 108 -11.51 -6.93 -7.50
CA VAL A 108 -10.11 -6.60 -7.40
C VAL A 108 -9.87 -5.74 -6.15
N PHE A 109 -8.62 -5.35 -5.90
CA PHE A 109 -8.26 -4.82 -4.61
C PHE A 109 -7.39 -3.58 -4.76
N SER A 110 -7.56 -2.61 -3.87
CA SER A 110 -6.69 -1.48 -3.83
C SER A 110 -6.23 -1.23 -2.40
N HIS A 111 -5.22 -0.38 -2.22
CA HIS A 111 -4.67 -0.07 -0.91
C HIS A 111 -5.39 1.12 -0.28
N GLY A 112 -6.64 0.87 0.10
CA GLY A 112 -7.54 1.92 0.51
C GLY A 112 -8.33 2.47 -0.68
N ILE A 113 -9.48 3.06 -0.39
CA ILE A 113 -10.37 3.47 -1.45
C ILE A 113 -9.84 4.68 -2.24
N VAL A 114 -9.18 5.64 -1.59
CA VAL A 114 -8.67 6.79 -2.32
C VAL A 114 -7.58 6.35 -3.32
N ALA A 115 -6.68 5.43 -2.94
CA ALA A 115 -5.70 4.90 -3.90
C ALA A 115 -6.46 4.26 -5.06
N GLY A 116 -7.53 3.55 -4.76
CA GLY A 116 -8.33 2.91 -5.81
C GLY A 116 -8.97 3.92 -6.75
N LEU A 117 -9.51 5.00 -6.19
CA LEU A 117 -10.12 6.08 -7.00
C LEU A 117 -9.10 6.70 -7.96
N ILE A 118 -7.91 7.04 -7.44
CA ILE A 118 -6.85 7.62 -8.24
C ILE A 118 -6.57 6.70 -9.43
N GLU A 119 -6.46 5.41 -9.19
CA GLU A 119 -6.12 4.47 -10.26
C GLU A 119 -7.29 4.31 -11.27
N LEU A 120 -8.52 4.22 -10.77
CA LEU A 120 -9.65 4.06 -11.62
C LEU A 120 -9.82 5.31 -12.49
N VAL A 121 -9.64 6.52 -11.95
CA VAL A 121 -9.87 7.72 -12.74
C VAL A 121 -8.89 7.72 -13.92
N GLY A 122 -7.64 7.33 -13.65
CA GLY A 122 -6.57 7.27 -14.64
C GLY A 122 -6.94 6.35 -15.79
N TYR A 123 -7.55 5.20 -15.47
CA TYR A 123 -7.92 4.25 -16.53
C TYR A 123 -9.14 4.74 -17.31
N ILE A 124 -10.12 5.35 -16.63
CA ILE A 124 -11.41 5.68 -17.21
C ILE A 124 -11.34 6.94 -18.08
N CYS A 125 -10.64 7.97 -17.59
CA CYS A 125 -10.70 9.30 -18.18
C CYS A 125 -9.44 9.63 -19.00
N ASP A 126 -9.68 10.36 -20.11
CA ASP A 126 -8.60 10.95 -20.93
C ASP A 126 -8.59 12.45 -20.66
N LYS A 127 -7.53 13.13 -21.15
CA LYS A 127 -7.17 14.56 -20.96
C LYS A 127 -8.36 15.53 -20.85
N ASP A 128 -9.36 15.43 -21.73
CA ASP A 128 -10.41 16.44 -21.82
C ASP A 128 -11.77 15.95 -21.29
N ASP A 129 -11.79 14.77 -20.66
CA ASP A 129 -12.96 14.28 -19.97
C ASP A 129 -13.07 15.04 -18.64
N LYS A 130 -14.29 15.24 -18.20
CA LYS A 130 -14.56 15.85 -16.91
C LYS A 130 -15.22 14.82 -16.00
N ALA A 131 -15.05 15.05 -14.70
CA ALA A 131 -15.72 14.25 -13.65
C ALA A 131 -16.75 15.13 -12.93
N LEU A 132 -17.86 14.51 -12.54
CA LEU A 132 -18.92 15.17 -11.83
C LEU A 132 -18.95 14.61 -10.39
N ILE A 133 -19.12 15.51 -9.41
CA ILE A 133 -19.37 15.13 -8.03
C ILE A 133 -20.53 15.99 -7.55
N VAL A 134 -21.38 15.44 -6.66
CA VAL A 134 -22.38 16.25 -5.95
C VAL A 134 -21.66 16.89 -4.74
N THR A 135 -22.07 18.11 -4.40
CA THR A 135 -21.42 18.87 -3.32
C THR A 135 -22.47 19.26 -2.26
N PRO A 136 -22.09 19.34 -0.99
CA PRO A 136 -20.74 19.14 -0.48
C PRO A 136 -20.22 17.71 -0.62
N SER A 137 -18.89 17.57 -0.62
CA SER A 137 -18.24 16.29 -1.00
C SER A 137 -17.07 15.99 -0.08
N TYR A 138 -16.82 14.70 0.09
CA TYR A 138 -15.53 14.19 0.49
C TYR A 138 -14.46 14.78 -0.43
N GLY A 139 -13.45 15.41 0.16
CA GLY A 139 -12.50 16.19 -0.62
C GLY A 139 -11.66 15.32 -1.54
N PRO A 140 -11.18 14.14 -1.12
CA PRO A 140 -10.37 13.30 -2.02
C PRO A 140 -11.06 12.85 -3.33
N PHE A 141 -12.38 12.96 -3.45
CA PHE A 141 -13.04 12.75 -4.75
C PHE A 141 -12.47 13.73 -5.78
N LYS A 142 -12.33 15.00 -5.38
CA LYS A 142 -11.77 15.99 -6.29
C LYS A 142 -10.24 15.79 -6.43
N MET A 143 -9.55 15.43 -5.34
N MET A 143 -9.55 15.50 -5.32
CA MET A 143 -8.12 15.28 -5.37
CA MET A 143 -8.12 15.23 -5.33
C MET A 143 -7.71 14.07 -6.24
C MET A 143 -7.83 14.13 -6.37
N ALA A 144 -8.58 13.04 -6.33
CA ALA A 144 -8.32 11.92 -7.24
C ALA A 144 -8.38 12.39 -8.69
N CYS A 145 -9.29 13.32 -8.99
CA CYS A 145 -9.41 13.92 -10.32
C CYS A 145 -8.21 14.84 -10.60
N ASP A 146 -7.86 15.69 -9.64
CA ASP A 146 -6.69 16.59 -9.79
C ASP A 146 -5.41 15.79 -10.09
N LYS A 147 -5.21 14.68 -9.40
CA LYS A 147 -4.00 13.88 -9.60
C LYS A 147 -3.96 13.34 -11.04
N ASN A 148 -4.96 13.19 -11.70
CA ASN A 148 -5.05 12.65 -13.08
C ASN A 148 -5.29 13.77 -14.12
N HIS A 149 -5.14 15.02 -13.68
CA HIS A 149 -5.42 16.25 -14.46
C HIS A 149 -6.81 16.19 -15.12
N ILE A 150 -7.79 15.70 -14.36
CA ILE A 150 -9.12 15.69 -14.79
C ILE A 150 -9.88 16.79 -14.05
N SER A 151 -10.51 17.69 -14.82
CA SER A 151 -11.35 18.78 -14.32
C SER A 151 -12.64 18.22 -13.69
N THR A 152 -13.02 18.84 -12.59
CA THR A 152 -14.21 18.45 -11.83
C THR A 152 -15.28 19.51 -12.00
N VAL A 153 -16.50 19.01 -12.10
CA VAL A 153 -17.74 19.81 -12.21
C VAL A 153 -18.54 19.50 -10.96
N TYR A 154 -19.21 20.50 -10.42
CA TYR A 154 -19.97 20.25 -9.18
C TYR A 154 -21.46 20.37 -9.41
N SER A 155 -22.21 19.42 -8.87
CA SER A 155 -23.68 19.55 -8.79
C SER A 155 -24.08 19.74 -7.35
N PRO A 156 -24.45 20.95 -6.91
CA PRO A 156 -24.77 21.14 -5.50
C PRO A 156 -26.07 20.41 -5.16
N LEU A 157 -26.04 19.64 -4.08
CA LEU A 157 -27.22 19.06 -3.51
C LEU A 157 -28.13 20.18 -3.01
N ILE A 158 -29.41 19.88 -3.00
CA ILE A 158 -30.46 20.76 -2.49
C ILE A 158 -30.61 20.54 -0.99
N ASN A 159 -30.61 21.63 -0.24
CA ASN A 159 -30.65 21.53 1.22
C ASN A 159 -32.02 22.01 1.74
N HIS A 160 -32.77 21.10 2.36
CA HIS A 160 -34.02 21.45 3.04
C HIS A 160 -33.82 21.25 4.55
N HIS A 161 -33.28 22.28 5.22
CA HIS A 161 -33.04 22.33 6.67
C HIS A 161 -32.22 21.11 7.13
N GLY A 162 -31.17 20.77 6.37
CA GLY A 162 -30.28 19.67 6.73
C GLY A 162 -30.70 18.34 6.14
N TYR A 163 -31.85 18.29 5.46
CA TYR A 163 -32.14 17.13 4.61
C TYR A 163 -31.73 17.41 3.16
N TYR A 164 -30.72 16.69 2.65
CA TYR A 164 -30.20 16.97 1.34
C TYR A 164 -30.76 16.02 0.28
N GLU A 165 -30.88 16.56 -0.94
CA GLU A 165 -31.41 15.82 -2.05
C GLU A 165 -30.63 16.18 -3.32
N ILE A 166 -30.67 15.24 -4.26
CA ILE A 166 -29.97 15.43 -5.54
C ILE A 166 -30.83 16.36 -6.41
N ASP A 167 -30.17 17.27 -7.12
CA ASP A 167 -30.81 18.12 -8.10
C ASP A 167 -30.68 17.46 -9.47
N PHE A 168 -31.66 16.61 -9.77
CA PHE A 168 -31.61 15.78 -10.93
C PHE A 168 -31.58 16.62 -12.20
N ASP A 169 -32.36 17.70 -12.20
CA ASP A 169 -32.34 18.68 -13.31
C ASP A 169 -30.93 19.21 -13.59
N ASP A 170 -30.20 19.61 -12.52
CA ASP A 170 -28.85 20.09 -12.59
C ASP A 170 -27.91 18.99 -13.11
N VAL A 171 -28.03 17.79 -12.54
CA VAL A 171 -27.14 16.71 -12.97
C VAL A 171 -27.34 16.46 -14.48
N ARG A 172 -28.59 16.33 -14.92
CA ARG A 172 -28.97 16.03 -16.32
C ARG A 172 -28.32 17.08 -17.23
N LYS A 173 -28.52 18.35 -16.88
CA LYS A 173 -27.98 19.45 -17.66
C LYS A 173 -26.47 19.31 -17.84
N LYS A 174 -25.76 19.14 -16.71
CA LYS A 174 -24.32 19.18 -16.70
C LYS A 174 -23.76 18.04 -17.54
N VAL A 175 -24.41 16.88 -17.47
CA VAL A 175 -23.97 15.66 -18.14
C VAL A 175 -24.18 15.83 -19.66
N GLU A 176 -25.31 16.41 -20.05
CA GLU A 176 -25.66 16.65 -21.47
C GLU A 176 -24.77 17.74 -22.09
N THR A 177 -24.43 18.79 -21.33
CA THR A 177 -23.84 20.01 -21.90
C THR A 177 -22.35 20.15 -21.59
N GLU A 178 -21.76 19.17 -20.90
CA GLU A 178 -20.32 19.15 -20.71
C GLU A 178 -19.85 17.71 -20.92
N ASN A 179 -18.55 17.54 -21.15
CA ASN A 179 -18.06 16.23 -21.46
C ASN A 179 -17.79 15.47 -20.16
N ILE A 180 -18.86 15.12 -19.46
CA ILE A 180 -18.73 14.32 -18.22
C ILE A 180 -18.59 12.84 -18.60
N LYS A 181 -17.44 12.28 -18.24
CA LYS A 181 -17.07 10.90 -18.51
C LYS A 181 -17.34 10.05 -17.27
N LEU A 182 -17.20 10.67 -16.08
CA LEU A 182 -17.27 9.88 -14.82
C LEU A 182 -17.97 10.71 -13.73
N CYS A 183 -18.79 10.03 -12.95
CA CYS A 183 -19.36 10.58 -11.72
C CYS A 183 -18.82 9.75 -10.55
N ILE A 184 -18.23 10.41 -9.55
CA ILE A 184 -17.76 9.76 -8.36
C ILE A 184 -18.79 10.12 -7.28
N PHE A 185 -19.37 9.10 -6.66
CA PHE A 185 -20.59 9.24 -5.89
C PHE A 185 -20.42 8.49 -4.57
N ALA A 186 -20.77 9.14 -3.46
CA ALA A 186 -20.73 8.46 -2.15
C ALA A 186 -22.14 7.99 -1.77
N ASN A 187 -22.25 6.66 -1.54
CA ASN A 187 -23.49 5.99 -1.24
C ASN A 187 -23.24 5.07 -0.04
N PRO A 188 -23.47 5.45 1.24
CA PRO A 188 -24.10 6.71 1.63
C PRO A 188 -23.14 7.91 1.60
N HIS A 189 -23.74 9.10 1.67
CA HIS A 189 -23.03 10.32 1.43
C HIS A 189 -22.27 10.84 2.65
N ASN A 190 -21.06 11.35 2.39
CA ASN A 190 -20.26 12.16 3.37
C ASN A 190 -20.11 13.56 2.75
N PRO A 191 -20.55 14.64 3.42
CA PRO A 191 -20.77 14.73 4.86
C PRO A 191 -22.22 14.76 5.33
N THR A 192 -23.18 14.61 4.40
CA THR A 192 -24.62 14.85 4.74
C THR A 192 -25.26 13.64 5.42
N GLY A 193 -24.68 12.45 5.21
CA GLY A 193 -25.16 11.16 5.78
C GLY A 193 -26.30 10.56 5.02
N ARG A 194 -26.67 11.08 3.85
CA ARG A 194 -27.84 10.52 3.15
C ARG A 194 -27.65 9.05 2.75
N VAL A 195 -28.63 8.24 3.09
CA VAL A 195 -28.76 6.89 2.60
C VAL A 195 -29.76 6.94 1.45
N TRP A 196 -29.26 6.85 0.24
CA TRP A 196 -30.07 7.09 -0.95
C TRP A 196 -31.08 5.96 -1.13
N SER A 197 -32.28 6.36 -1.54
CA SER A 197 -33.36 5.40 -1.81
C SER A 197 -33.10 4.71 -3.14
N GLU A 198 -33.78 3.57 -3.33
CA GLU A 198 -33.80 2.86 -4.60
C GLU A 198 -34.19 3.84 -5.72
N GLU A 199 -35.20 4.69 -5.48
CA GLU A 199 -35.70 5.63 -6.47
C GLU A 199 -34.64 6.68 -6.82
N GLU A 200 -33.95 7.22 -5.80
CA GLU A 200 -32.91 8.20 -6.06
C GLU A 200 -31.80 7.58 -6.90
N LEU A 201 -31.36 6.38 -6.52
CA LEU A 201 -30.26 5.73 -7.18
C LEU A 201 -30.67 5.37 -8.62
N ALA A 202 -31.89 4.82 -8.75
CA ALA A 202 -32.41 4.40 -10.06
C ALA A 202 -32.45 5.61 -11.02
N THR A 203 -32.96 6.74 -10.51
CA THR A 203 -33.07 7.96 -11.29
C THR A 203 -31.68 8.47 -11.70
N LEU A 204 -30.76 8.53 -10.72
CA LEU A 204 -29.42 8.99 -11.07
C LEU A 204 -28.74 8.03 -12.06
N GLY A 205 -28.93 6.72 -11.85
CA GLY A 205 -28.32 5.74 -12.70
C GLY A 205 -28.77 5.86 -14.15
N GLN A 206 -30.05 6.14 -14.33
CA GLN A 206 -30.65 6.21 -15.66
C GLN A 206 -30.03 7.39 -16.42
N ILE A 207 -29.83 8.51 -15.71
CA ILE A 207 -29.14 9.65 -16.30
C ILE A 207 -27.76 9.22 -16.82
N MET A 208 -27.02 8.50 -15.99
CA MET A 208 -25.67 8.18 -16.32
C MET A 208 -25.63 7.21 -17.50
N LYS A 209 -26.52 6.21 -17.44
CA LYS A 209 -26.66 5.17 -18.47
C LYS A 209 -26.94 5.87 -19.82
N GLU A 210 -27.95 6.71 -19.87
CA GLU A 210 -28.34 7.42 -21.13
C GLU A 210 -27.20 8.28 -21.72
N ASN A 211 -26.28 8.79 -20.90
CA ASN A 211 -25.23 9.67 -21.36
C ASN A 211 -23.87 8.96 -21.41
N ASP A 212 -23.87 7.65 -21.14
CA ASP A 212 -22.70 6.82 -21.18
C ASP A 212 -21.63 7.35 -20.22
N VAL A 213 -22.04 7.61 -18.98
CA VAL A 213 -21.18 8.11 -17.95
C VAL A 213 -20.91 6.97 -16.98
N TRP A 214 -19.63 6.78 -16.66
CA TRP A 214 -19.18 5.81 -15.67
C TRP A 214 -19.58 6.32 -14.30
N LEU A 215 -19.95 5.40 -13.41
CA LEU A 215 -20.19 5.84 -12.04
C LEU A 215 -19.38 4.98 -11.07
N ILE A 216 -18.57 5.62 -10.22
CA ILE A 216 -17.93 4.96 -9.09
C ILE A 216 -18.80 5.23 -7.86
N SER A 217 -19.38 4.18 -7.28
CA SER A 217 -20.20 4.27 -6.08
C SER A 217 -19.33 3.83 -4.89
N ASP A 218 -18.91 4.83 -4.12
CA ASP A 218 -18.06 4.65 -2.96
C ASP A 218 -18.93 4.43 -1.73
N GLU A 219 -18.97 3.18 -1.30
CA GLU A 219 -19.91 2.69 -0.31
C GLU A 219 -19.20 2.36 1.01
N ILE A 220 -18.11 3.10 1.33
CA ILE A 220 -17.32 2.84 2.52
C ILE A 220 -18.10 3.07 3.83
N HIS A 221 -19.15 3.90 3.84
CA HIS A 221 -19.93 4.12 5.08
C HIS A 221 -21.17 3.23 5.17
N CYS A 222 -21.30 2.24 4.28
CA CYS A 222 -22.57 1.60 4.06
C CYS A 222 -22.99 0.77 5.29
N ASP A 223 -22.09 0.39 6.18
CA ASP A 223 -22.47 -0.45 7.29
C ASP A 223 -22.53 0.36 8.59
N ILE A 224 -22.39 1.69 8.52
CA ILE A 224 -22.53 2.58 9.64
C ILE A 224 -23.79 3.41 9.42
N LYS A 225 -24.90 3.00 10.06
CA LYS A 225 -26.14 3.67 9.74
C LYS A 225 -27.13 3.46 10.88
N ARG A 226 -28.12 4.36 10.93
CA ARG A 226 -29.09 4.34 12.01
C ARG A 226 -29.96 3.10 11.89
N SER A 227 -30.50 2.71 13.05
CA SER A 227 -31.61 1.79 13.14
C SER A 227 -32.66 2.18 12.10
N GLY A 228 -33.13 1.23 11.33
CA GLY A 228 -34.25 1.58 10.47
C GLY A 228 -33.81 2.10 9.11
N GLN A 229 -32.50 2.23 8.90
CA GLN A 229 -32.01 2.55 7.59
C GLN A 229 -31.44 1.30 6.93
N SER A 230 -31.70 1.17 5.63
CA SER A 230 -31.23 0.03 4.85
C SER A 230 -30.37 0.55 3.70
N HIS A 231 -29.26 -0.14 3.48
CA HIS A 231 -28.34 0.26 2.41
C HIS A 231 -28.69 -0.49 1.12
N ILE A 232 -28.74 0.24 -0.01
CA ILE A 232 -28.90 -0.37 -1.34
C ILE A 232 -27.68 0.01 -2.17
N PRO A 233 -26.82 -0.99 -2.49
CA PRO A 233 -25.68 -0.71 -3.34
C PRO A 233 -26.17 -0.14 -4.66
N PHE A 234 -25.42 0.80 -5.22
CA PHE A 234 -25.81 1.39 -6.55
C PHE A 234 -26.02 0.28 -7.62
N ALA A 235 -25.11 -0.69 -7.64
CA ALA A 235 -25.19 -1.82 -8.58
C ALA A 235 -26.38 -2.75 -8.30
N LYS A 236 -26.97 -2.73 -7.10
CA LYS A 236 -28.22 -3.48 -6.82
C LYS A 236 -29.42 -2.70 -7.36
N ALA A 237 -29.50 -1.40 -7.06
CA ALA A 237 -30.56 -0.48 -7.56
C ALA A 237 -30.56 -0.41 -9.09
N VAL A 238 -29.38 -0.47 -9.71
CA VAL A 238 -29.21 -0.33 -11.14
C VAL A 238 -28.40 -1.53 -11.65
N PRO A 239 -29.02 -2.71 -11.74
CA PRO A 239 -28.28 -3.93 -12.06
C PRO A 239 -27.84 -4.13 -13.52
N ASP A 240 -28.40 -3.35 -14.45
CA ASP A 240 -28.21 -3.56 -15.88
C ASP A 240 -27.32 -2.46 -16.48
N TYR A 241 -26.34 -1.96 -15.74
CA TYR A 241 -25.43 -1.02 -16.29
C TYR A 241 -24.02 -1.33 -15.80
N ASP A 242 -23.16 -1.79 -16.73
CA ASP A 242 -21.94 -2.44 -16.33
C ASP A 242 -20.85 -1.38 -16.07
N LYS A 243 -21.17 -0.07 -16.19
CA LYS A 243 -20.19 0.97 -15.91
C LYS A 243 -20.37 1.53 -14.49
N ILE A 244 -21.12 0.82 -13.65
CA ILE A 244 -21.15 1.10 -12.21
C ILE A 244 -20.06 0.28 -11.53
N ILE A 245 -19.12 0.96 -10.92
CA ILE A 245 -18.01 0.38 -10.17
C ILE A 245 -18.32 0.57 -8.69
N THR A 246 -18.17 -0.48 -7.88
CA THR A 246 -18.48 -0.41 -6.45
C THR A 246 -17.17 -0.46 -5.66
N THR A 247 -16.97 0.45 -4.70
CA THR A 247 -15.84 0.32 -3.76
C THR A 247 -16.42 0.13 -2.34
N MET A 248 -15.95 -0.89 -1.62
CA MET A 248 -16.35 -1.19 -0.22
C MET A 248 -15.11 -1.63 0.55
N SER A 249 -15.15 -1.45 1.88
N SER A 249 -15.08 -1.43 1.87
CA SER A 249 -14.03 -1.75 2.76
CA SER A 249 -14.02 -2.00 2.71
C SER A 249 -14.56 -2.08 4.16
C SER A 249 -14.51 -2.03 4.14
N GLN A 250 -13.69 -2.58 5.04
CA GLN A 250 -14.05 -2.65 6.47
C GLN A 250 -13.29 -1.54 7.20
N SER A 251 -12.60 -0.64 6.48
CA SER A 251 -11.77 0.35 7.13
C SER A 251 -12.60 1.27 8.03
N LYS A 252 -13.72 1.80 7.53
CA LYS A 252 -14.49 2.74 8.37
C LYS A 252 -15.24 1.96 9.46
N ALA A 253 -15.97 0.93 9.04
CA ALA A 253 -16.82 0.23 10.01
C ALA A 253 -16.05 -0.41 11.15
N PHE A 254 -14.83 -0.94 10.90
CA PHE A 254 -14.07 -1.70 11.89
C PHE A 254 -12.82 -0.98 12.40
N ASN A 255 -12.68 0.29 12.00
CA ASN A 255 -11.63 1.18 12.48
C ASN A 255 -10.23 0.60 12.14
N ILE A 256 -10.08 0.25 10.86
CA ILE A 256 -8.83 -0.31 10.40
C ILE A 256 -8.35 0.43 9.14
N ALA A 257 -8.52 1.75 9.07
CA ALA A 257 -8.06 2.54 7.91
C ALA A 257 -6.54 2.45 7.75
N GLY A 258 -5.81 2.22 8.84
CA GLY A 258 -4.37 2.11 8.78
C GLY A 258 -3.94 0.89 7.98
N LEU A 259 -4.83 -0.10 7.80
CA LEU A 259 -4.43 -1.33 7.10
C LEU A 259 -4.57 -1.24 5.57
N MET A 260 -5.18 -0.17 5.05
CA MET A 260 -5.10 0.14 3.66
C MET A 260 -5.38 -1.06 2.73
N PHE A 261 -6.59 -1.64 2.79
CA PHE A 261 -6.99 -2.77 1.94
C PHE A 261 -8.48 -2.66 1.65
N SER A 262 -8.87 -2.64 0.37
CA SER A 262 -10.14 -2.20 -0.10
C SER A 262 -10.62 -3.11 -1.21
N ASN A 263 -11.92 -3.28 -1.35
CA ASN A 263 -12.53 -4.00 -2.45
C ASN A 263 -13.01 -3.05 -3.55
N ILE A 264 -12.81 -3.48 -4.81
CA ILE A 264 -13.36 -2.80 -5.99
C ILE A 264 -14.04 -3.85 -6.85
N ILE A 265 -15.28 -3.58 -7.21
CA ILE A 265 -16.04 -4.49 -8.05
C ILE A 265 -16.19 -3.80 -9.41
N ILE A 266 -15.52 -4.39 -10.42
CA ILE A 266 -15.52 -3.88 -11.79
C ILE A 266 -16.31 -4.86 -12.67
N GLN A 267 -17.46 -4.40 -13.18
CA GLN A 267 -18.38 -5.28 -13.95
C GLN A 267 -18.17 -5.11 -15.45
N ASN A 268 -17.44 -4.07 -15.83
CA ASN A 268 -17.18 -3.77 -17.24
C ASN A 268 -15.93 -4.53 -17.67
N GLU A 269 -16.08 -5.41 -18.67
CA GLU A 269 -15.01 -6.33 -19.04
C GLU A 269 -13.77 -5.60 -19.58
N SER A 270 -13.92 -4.52 -20.35
CA SER A 270 -12.75 -3.82 -20.87
C SER A 270 -11.97 -3.19 -19.73
N LEU A 271 -12.67 -2.56 -18.77
CA LEU A 271 -11.95 -1.89 -17.70
C LEU A 271 -11.29 -2.95 -16.82
N LEU A 272 -11.97 -4.07 -16.59
CA LEU A 272 -11.44 -5.17 -15.79
C LEU A 272 -10.17 -5.69 -16.45
N LYS A 273 -10.20 -5.79 -17.78
CA LYS A 273 -9.02 -6.24 -18.50
C LYS A 273 -7.86 -5.25 -18.29
N THR A 274 -8.14 -3.95 -18.42
CA THR A 274 -7.17 -2.89 -18.17
C THR A 274 -6.56 -3.00 -16.78
N TRP A 275 -7.43 -3.15 -15.76
CA TRP A 275 -6.96 -3.32 -14.38
C TRP A 275 -6.02 -4.52 -14.26
N ASN A 276 -6.46 -5.67 -14.76
CA ASN A 276 -5.73 -6.92 -14.57
C ASN A 276 -4.37 -6.83 -15.25
N THR A 277 -4.32 -6.13 -16.39
CA THR A 277 -3.07 -5.95 -17.17
C THR A 277 -2.13 -4.95 -16.50
N HIS A 278 -2.68 -3.86 -15.95
CA HIS A 278 -1.87 -2.68 -15.61
C HIS A 278 -1.71 -2.46 -14.11
N HIS A 279 -2.56 -3.06 -13.28
CA HIS A 279 -2.47 -2.86 -11.87
C HIS A 279 -1.23 -3.55 -11.30
N PHE A 280 -0.44 -2.79 -10.53
CA PHE A 280 0.62 -3.30 -9.75
C PHE A 280 0.22 -3.22 -8.26
N GLY A 281 0.55 -4.29 -7.55
CA GLY A 281 0.53 -4.32 -6.10
C GLY A 281 0.19 -5.71 -5.61
N THR A 282 0.84 -6.08 -4.51
CA THR A 282 0.49 -7.22 -3.71
C THR A 282 -0.24 -6.68 -2.49
N GLU A 283 -0.61 -7.57 -1.57
CA GLU A 283 -1.46 -7.23 -0.47
C GLU A 283 -0.72 -7.50 0.84
N ASN A 284 -1.16 -6.86 1.92
CA ASN A 284 -0.57 -7.00 3.21
C ASN A 284 -1.30 -8.13 3.93
N PRO A 285 -0.58 -9.20 4.36
CA PRO A 285 -1.25 -10.33 4.99
C PRO A 285 -2.02 -9.93 6.26
N LEU A 286 -1.51 -8.97 7.02
CA LEU A 286 -2.22 -8.57 8.24
C LEU A 286 -3.48 -7.82 7.86
N SER A 287 -3.42 -7.04 6.78
CA SER A 287 -4.60 -6.26 6.29
C SER A 287 -5.69 -7.18 5.77
N VAL A 288 -5.32 -8.23 5.00
CA VAL A 288 -6.25 -9.15 4.46
C VAL A 288 -6.89 -9.97 5.60
N VAL A 289 -6.09 -10.47 6.55
CA VAL A 289 -6.67 -11.30 7.64
C VAL A 289 -7.66 -10.42 8.41
N ALA A 290 -7.28 -9.17 8.71
CA ALA A 290 -8.11 -8.29 9.53
C ALA A 290 -9.47 -8.13 8.84
N THR A 291 -9.44 -7.80 7.57
CA THR A 291 -10.61 -7.47 6.80
C THR A 291 -11.50 -8.70 6.67
N GLN A 292 -10.90 -9.84 6.35
CA GLN A 292 -11.64 -11.07 6.26
C GLN A 292 -12.29 -11.42 7.60
N ALA A 293 -11.57 -11.23 8.71
CA ALA A 293 -12.11 -11.50 10.04
C ALA A 293 -13.36 -10.63 10.30
N ALA A 294 -13.31 -9.39 9.86
CA ALA A 294 -14.47 -8.47 10.07
C ALA A 294 -15.69 -9.03 9.35
N TYR A 295 -15.53 -9.47 8.10
CA TYR A 295 -16.63 -10.11 7.33
C TYR A 295 -17.09 -11.41 8.00
N GLU A 296 -16.17 -12.23 8.50
CA GLU A 296 -16.54 -13.58 8.94
C GLU A 296 -17.11 -13.49 10.36
N LYS A 297 -16.61 -12.57 11.18
CA LYS A 297 -16.88 -12.61 12.66
C LYS A 297 -17.39 -11.28 13.22
N GLY A 298 -17.52 -10.24 12.39
CA GLY A 298 -17.65 -8.88 12.89
C GLY A 298 -19.07 -8.41 13.17
N GLU A 299 -20.09 -9.16 12.74
CA GLU A 299 -21.48 -8.58 12.66
C GLU A 299 -21.98 -8.17 14.06
N GLY A 300 -21.68 -8.94 15.09
CA GLY A 300 -22.19 -8.69 16.49
C GLY A 300 -21.65 -7.41 17.06
N TRP A 301 -20.33 -7.25 16.95
CA TRP A 301 -19.67 -6.03 17.42
C TRP A 301 -20.22 -4.87 16.61
N LEU A 302 -20.34 -5.04 15.29
CA LEU A 302 -20.75 -3.90 14.46
C LEU A 302 -22.16 -3.44 14.87
N GLN A 303 -23.05 -4.40 15.15
CA GLN A 303 -24.44 -4.09 15.56
C GLN A 303 -24.44 -3.34 16.88
N ALA A 304 -23.57 -3.75 17.79
CA ALA A 304 -23.43 -3.07 19.08
C ALA A 304 -22.89 -1.65 18.90
N MET A 305 -21.89 -1.50 18.05
CA MET A 305 -21.32 -0.21 17.80
C MET A 305 -22.41 0.74 17.25
N ASN A 306 -23.14 0.29 16.24
CA ASN A 306 -24.18 1.07 15.66
C ASN A 306 -25.25 1.48 16.70
N HIS A 307 -25.60 0.59 17.64
CA HIS A 307 -26.57 0.97 18.66
C HIS A 307 -26.03 2.11 19.53
N TYR A 308 -24.75 2.04 19.88
CA TYR A 308 -24.15 3.00 20.73
C TYR A 308 -24.04 4.34 20.00
N LEU A 309 -23.71 4.30 18.72
CA LEU A 309 -23.62 5.48 17.90
C LEU A 309 -24.99 6.17 17.77
N ASP A 310 -26.07 5.40 17.60
CA ASP A 310 -27.38 5.94 17.54
C ASP A 310 -27.70 6.73 18.83
N ASP A 311 -27.31 6.20 19.98
CA ASP A 311 -27.52 6.88 21.25
C ASP A 311 -26.71 8.19 21.31
N ASN A 312 -25.49 8.19 20.75
CA ASN A 312 -24.73 9.42 20.65
C ASN A 312 -25.49 10.44 19.81
N PHE A 313 -26.01 10.02 18.65
CA PHE A 313 -26.79 10.92 17.80
C PHE A 313 -28.05 11.45 18.50
N ASN A 314 -28.73 10.60 19.25
CA ASN A 314 -29.93 11.06 19.96
C ASN A 314 -29.57 12.15 20.96
N TYR A 315 -28.45 12.00 21.70
CA TYR A 315 -28.01 13.04 22.62
C TYR A 315 -27.65 14.32 21.86
N LEU A 316 -26.90 14.16 20.75
CA LEU A 316 -26.51 15.33 20.00
C LEU A 316 -27.71 16.12 19.50
N ALA A 317 -28.72 15.43 18.97
CA ALA A 317 -29.91 16.07 18.44
C ALA A 317 -30.63 16.86 19.54
N ASP A 318 -30.69 16.27 20.74
CA ASP A 318 -31.37 16.90 21.86
C ASP A 318 -30.55 18.12 22.29
N PHE A 319 -29.24 17.94 22.37
CA PHE A 319 -28.35 18.98 22.82
C PHE A 319 -28.47 20.20 21.89
N LEU A 320 -28.42 19.98 20.58
CA LEU A 320 -28.46 21.08 19.64
C LEU A 320 -29.81 21.80 19.72
N GLU A 321 -30.92 21.07 19.82
CA GLU A 321 -32.27 21.69 19.92
C GLU A 321 -32.36 22.58 21.16
N LYS A 322 -31.81 22.12 22.28
CA LYS A 322 -31.95 22.84 23.54
C LYS A 322 -30.93 23.97 23.65
N GLU A 323 -29.71 23.77 23.15
CA GLU A 323 -28.58 24.60 23.58
C GLU A 323 -28.07 25.49 22.44
N LEU A 324 -28.31 25.10 21.19
CA LEU A 324 -27.90 25.84 20.00
C LEU A 324 -29.05 25.85 19.02
N PRO A 325 -30.19 26.44 19.42
CA PRO A 325 -31.40 26.37 18.59
C PRO A 325 -31.30 27.01 17.21
N HIS A 326 -30.32 27.91 17.00
CA HIS A 326 -30.15 28.53 15.72
C HIS A 326 -29.28 27.67 14.79
N ALA A 327 -28.64 26.63 15.35
CA ALA A 327 -27.93 25.69 14.49
C ALA A 327 -28.96 24.85 13.75
N GLU A 328 -28.63 24.44 12.53
CA GLU A 328 -29.53 23.55 11.78
C GLU A 328 -28.81 22.19 11.65
N PHE A 329 -29.53 21.11 11.98
CA PHE A 329 -28.96 19.76 12.05
C PHE A 329 -30.09 18.75 11.92
N LYS A 330 -29.85 17.72 11.12
CA LYS A 330 -30.75 16.53 11.07
C LYS A 330 -29.87 15.33 11.40
N ILE A 331 -30.37 14.39 12.19
CA ILE A 331 -29.68 13.14 12.39
C ILE A 331 -29.41 12.50 11.04
N PRO A 332 -28.13 12.20 10.73
CA PRO A 332 -27.79 11.62 9.43
C PRO A 332 -28.26 10.17 9.37
N GLU A 333 -28.65 9.72 8.17
CA GLU A 333 -29.11 8.37 8.01
C GLU A 333 -27.95 7.39 8.15
N ALA A 334 -26.72 7.82 7.78
CA ALA A 334 -25.53 6.97 7.85
C ALA A 334 -24.37 7.82 8.33
N THR A 335 -23.25 7.14 8.50
CA THR A 335 -21.96 7.63 8.97
C THR A 335 -22.02 7.91 10.49
N TYR A 336 -20.83 8.14 11.06
CA TYR A 336 -20.70 8.60 12.42
C TYR A 336 -20.36 10.11 12.48
N LEU A 337 -20.77 10.86 11.47
CA LEU A 337 -20.33 12.22 11.25
C LEU A 337 -21.59 13.09 11.27
N ALA A 338 -21.56 14.13 12.10
CA ALA A 338 -22.64 15.07 12.22
C ALA A 338 -22.32 16.33 11.43
N TRP A 339 -23.26 16.77 10.63
CA TRP A 339 -23.09 17.94 9.77
C TRP A 339 -23.99 19.06 10.29
N VAL A 340 -23.36 20.14 10.76
CA VAL A 340 -24.10 21.12 11.55
C VAL A 340 -23.94 22.50 10.90
N ASP A 341 -25.07 23.16 10.62
CA ASP A 341 -25.00 24.49 10.02
C ASP A 341 -24.93 25.52 11.16
N LEU A 342 -23.83 26.27 11.24
CA LEU A 342 -23.65 27.32 12.25
C LEU A 342 -23.71 28.73 11.63
N SER A 343 -24.29 28.85 10.44
CA SER A 343 -24.34 30.10 9.64
C SER A 343 -24.79 31.27 10.52
N TYR A 344 -25.82 31.02 11.32
CA TYR A 344 -26.42 32.06 12.16
C TYR A 344 -25.36 32.68 13.05
N TYR A 345 -24.59 31.82 13.73
CA TYR A 345 -23.59 32.26 14.71
C TYR A 345 -22.45 32.97 14.02
N ILE A 346 -21.98 32.43 12.89
CA ILE A 346 -20.89 33.01 12.11
C ILE A 346 -21.30 34.44 11.70
N LYS A 347 -22.54 34.62 11.25
CA LYS A 347 -22.97 35.96 10.83
C LYS A 347 -23.13 36.90 12.03
N GLU A 348 -23.79 36.46 13.10
CA GLU A 348 -24.08 37.32 14.25
C GLU A 348 -22.75 37.78 14.86
N LYS A 349 -21.75 36.89 14.92
CA LYS A 349 -20.44 37.16 15.64
C LYS A 349 -19.41 37.73 14.67
N ASP A 350 -19.71 37.69 13.36
CA ASP A 350 -18.82 38.16 12.35
C ASP A 350 -17.48 37.40 12.43
N ILE A 351 -17.56 36.08 12.53
CA ILE A 351 -16.33 35.29 12.68
C ILE A 351 -15.60 35.28 11.32
N ASP A 352 -14.37 35.76 11.32
CA ASP A 352 -13.58 35.96 10.11
C ASP A 352 -12.33 35.09 10.13
N GLU A 353 -12.45 33.88 10.69
CA GLU A 353 -11.43 32.84 10.53
C GLU A 353 -12.15 31.51 10.32
N SER A 354 -11.42 30.51 9.83
CA SER A 354 -12.07 29.20 9.64
C SER A 354 -12.62 28.74 10.99
N MET A 355 -13.76 28.05 10.96
CA MET A 355 -14.36 27.56 12.19
C MET A 355 -13.47 26.47 12.82
N ALA A 356 -12.65 25.75 12.06
CA ALA A 356 -11.71 24.81 12.72
C ALA A 356 -10.69 25.59 13.57
N LYS A 357 -10.21 26.75 13.10
CA LYS A 357 -9.28 27.56 13.91
C LYS A 357 -10.06 28.16 15.09
N PHE A 358 -11.26 28.65 14.81
CA PHE A 358 -12.07 29.24 15.86
C PHE A 358 -12.25 28.30 17.05
N PHE A 359 -12.67 27.06 16.76
CA PHE A 359 -12.94 26.11 17.79
C PHE A 359 -11.69 25.51 18.43
N ILE A 360 -10.56 25.43 17.71
CA ILE A 360 -9.34 25.03 18.39
C ILE A 360 -8.96 26.08 19.43
N LYS A 361 -8.99 27.35 19.00
CA LYS A 361 -8.52 28.47 19.85
C LYS A 361 -9.49 28.66 21.02
N ASN A 362 -10.80 28.69 20.74
CA ASN A 362 -11.77 29.18 21.69
C ASN A 362 -12.46 28.05 22.45
N ALA A 363 -12.49 26.83 21.88
CA ALA A 363 -13.18 25.73 22.56
C ALA A 363 -12.22 24.62 22.97
N GLY A 364 -11.01 24.60 22.40
CA GLY A 364 -10.09 23.47 22.55
C GLY A 364 -10.71 22.18 21.99
N VAL A 365 -11.46 22.33 20.89
CA VAL A 365 -12.10 21.13 20.18
C VAL A 365 -11.66 21.21 18.73
N ILE A 366 -11.26 20.04 18.17
CA ILE A 366 -10.91 19.93 16.77
C ILE A 366 -12.07 19.33 15.99
N ILE A 367 -12.60 20.11 15.04
CA ILE A 367 -13.62 19.65 14.11
C ILE A 367 -13.12 19.83 12.67
N GLU A 368 -13.92 19.40 11.68
CA GLU A 368 -13.63 19.75 10.28
C GLU A 368 -14.57 20.87 9.86
N GLY A 369 -13.98 21.93 9.29
CA GLY A 369 -14.75 23.04 8.78
C GLY A 369 -15.19 22.84 7.31
N ALA A 370 -15.98 23.79 6.85
CA ALA A 370 -16.56 23.82 5.53
C ALA A 370 -15.47 23.62 4.46
N GLU A 371 -14.29 24.20 4.72
CA GLU A 371 -13.19 24.19 3.76
C GLU A 371 -12.81 22.77 3.36
N GLN A 372 -13.16 21.72 4.11
CA GLN A 372 -12.71 20.39 3.76
C GLN A 372 -13.64 19.72 2.75
N PHE A 373 -14.76 20.37 2.36
CA PHE A 373 -15.87 19.68 1.70
C PHE A 373 -16.17 20.26 0.29
N VAL A 374 -15.15 20.91 -0.32
CA VAL A 374 -15.10 21.30 -1.76
C VAL A 374 -16.00 22.49 -2.14
N HIS A 375 -17.30 22.42 -1.88
CA HIS A 375 -18.30 23.36 -2.37
C HIS A 375 -19.61 23.18 -1.63
N ASN A 376 -20.49 24.18 -1.67
CA ASN A 376 -21.79 24.10 -1.11
C ASN A 376 -21.74 23.70 0.37
N ALA A 377 -20.78 24.25 1.11
CA ALA A 377 -20.55 23.82 2.49
C ALA A 377 -20.46 25.02 3.47
N GLU A 378 -20.39 26.26 2.97
CA GLU A 378 -20.13 27.42 3.82
C GLU A 378 -21.09 27.45 5.01
N GLY A 379 -20.52 27.69 6.18
CA GLY A 379 -21.27 27.82 7.43
C GLY A 379 -21.35 26.53 8.22
N HIS A 380 -20.99 25.40 7.61
CA HIS A 380 -21.12 24.10 8.28
C HIS A 380 -19.81 23.69 8.94
N ILE A 381 -19.95 22.84 9.98
CA ILE A 381 -18.89 22.01 10.50
C ILE A 381 -19.32 20.56 10.47
N ARG A 382 -18.30 19.70 10.52
CA ARG A 382 -18.51 18.24 10.62
C ARG A 382 -17.88 17.75 11.93
N ILE A 383 -18.69 17.09 12.75
CA ILE A 383 -18.27 16.60 14.05
C ILE A 383 -18.23 15.09 14.03
N ASN A 384 -17.07 14.50 14.33
CA ASN A 384 -16.98 13.07 14.45
C ASN A 384 -17.46 12.66 15.84
N ILE A 385 -18.53 11.84 15.90
CA ILE A 385 -19.03 11.40 17.19
C ILE A 385 -18.84 9.90 17.40
N ALA A 386 -17.94 9.27 16.66
CA ALA A 386 -17.50 7.88 16.98
C ALA A 386 -16.50 7.92 18.12
N VAL A 387 -16.95 8.41 19.28
CA VAL A 387 -16.17 8.59 20.49
C VAL A 387 -17.02 8.20 21.69
N PRO A 388 -16.40 7.84 22.84
CA PRO A 388 -17.18 7.61 24.07
C PRO A 388 -18.14 8.79 24.29
N ARG A 389 -19.37 8.46 24.66
CA ARG A 389 -20.46 9.44 24.85
C ARG A 389 -19.99 10.59 25.77
N GLU A 390 -19.25 10.30 26.83
CA GLU A 390 -18.78 11.37 27.73
C GLU A 390 -17.77 12.30 27.07
N VAL A 391 -16.98 11.82 26.10
CA VAL A 391 -16.07 12.67 25.36
C VAL A 391 -16.88 13.62 24.47
N MET A 392 -17.86 13.07 23.78
CA MET A 392 -18.71 13.82 22.91
C MET A 392 -19.43 14.91 23.70
N LYS A 393 -19.97 14.55 24.87
CA LYS A 393 -20.66 15.57 25.68
C LYS A 393 -19.71 16.71 26.04
N LYS A 394 -18.46 16.41 26.40
CA LYS A 394 -17.51 17.44 26.83
C LYS A 394 -17.24 18.35 25.63
N GLY A 395 -17.09 17.72 24.48
CA GLY A 395 -16.76 18.48 23.27
C GLY A 395 -17.90 19.40 22.88
N LEU A 396 -19.15 18.91 22.92
CA LEU A 396 -20.33 19.69 22.58
C LEU A 396 -20.50 20.87 23.54
N GLN A 397 -20.28 20.63 24.85
CA GLN A 397 -20.29 21.74 25.84
C GLN A 397 -19.31 22.85 25.47
N LYS A 398 -18.07 22.52 25.12
CA LYS A 398 -17.09 23.52 24.80
C LYS A 398 -17.42 24.25 23.48
N ILE A 399 -17.93 23.52 22.48
CA ILE A 399 -18.37 24.13 21.22
C ILE A 399 -19.47 25.15 21.49
N LYS A 400 -20.46 24.75 22.28
CA LYS A 400 -21.58 25.62 22.60
C LYS A 400 -21.07 26.88 23.32
N ALA A 401 -20.24 26.69 24.35
CA ALA A 401 -19.76 27.84 25.13
C ALA A 401 -19.02 28.84 24.21
N ALA A 402 -18.20 28.35 23.26
CA ALA A 402 -17.47 29.27 22.40
C ALA A 402 -18.44 30.04 21.47
N LEU A 403 -19.51 29.40 21.03
CA LEU A 403 -20.45 30.04 20.14
C LEU A 403 -21.29 31.09 20.86
N VAL A 404 -21.75 30.81 22.07
CA VAL A 404 -22.75 31.70 22.72
C VAL A 404 -22.04 32.82 23.50
N GLU A 405 -20.72 32.81 23.58
CA GLU A 405 -19.97 33.83 24.33
C GLU A 405 -20.41 35.20 23.78
N ASN A 406 -20.93 36.06 24.67
CA ASN A 406 -21.30 37.45 24.34
C ASN A 406 -22.47 37.50 23.35
N LEU A 407 -23.25 36.43 23.26
CA LEU A 407 -24.49 36.48 22.55
C LEU A 407 -25.62 36.44 23.56
N TYR A 408 -26.71 37.12 23.21
CA TYR A 408 -27.93 36.93 23.89
C TYR A 408 -28.72 35.81 23.20
N GLY B 2 19.15 -4.95 24.58
CA GLY B 2 20.41 -5.30 23.87
C GLY B 2 20.17 -5.79 22.45
N GLY B 3 21.28 -6.11 21.77
CA GLY B 3 21.22 -6.25 20.31
C GLY B 3 20.69 -7.59 19.81
N GLY B 4 20.48 -8.60 20.67
CA GLY B 4 19.95 -9.93 20.24
C GLY B 4 21.03 -10.99 19.97
N PHE B 5 22.24 -10.78 20.51
CA PHE B 5 23.37 -11.64 20.25
C PHE B 5 23.33 -12.91 21.14
N ALA B 6 22.69 -12.80 22.30
CA ALA B 6 22.68 -13.91 23.27
C ALA B 6 21.66 -14.99 22.89
N VAL B 7 20.61 -14.65 22.17
CA VAL B 7 19.54 -15.60 21.85
C VAL B 7 20.10 -16.65 20.90
N ASN B 8 19.70 -17.91 21.11
N ASN B 8 19.63 -17.89 21.09
CA ASN B 8 19.90 -18.97 20.13
CA ASN B 8 19.84 -18.99 20.18
C ASN B 8 18.67 -18.98 19.22
C ASN B 8 18.65 -19.04 19.21
N TYR B 9 18.91 -18.88 17.91
CA TYR B 9 17.86 -18.94 16.91
C TYR B 9 17.88 -20.34 16.28
N ASN B 10 16.78 -20.74 15.66
CA ASN B 10 16.68 -22.02 15.01
C ASN B 10 16.24 -21.86 13.56
N PHE B 11 17.22 -21.62 12.66
CA PHE B 11 16.93 -21.44 11.22
C PHE B 11 16.54 -22.76 10.54
N ASP B 12 16.76 -23.90 11.23
CA ASP B 12 16.36 -25.19 10.74
C ASP B 12 14.85 -25.40 10.87
N GLU B 13 14.17 -24.51 11.60
CA GLU B 13 12.72 -24.71 11.85
C GLU B 13 11.95 -24.73 10.54
N ILE B 14 11.13 -25.77 10.34
CA ILE B 14 10.22 -25.93 9.25
C ILE B 14 8.92 -25.20 9.59
N ILE B 15 8.68 -24.06 8.93
CA ILE B 15 7.50 -23.26 9.20
C ILE B 15 6.49 -23.46 8.06
N ASP B 16 5.29 -23.91 8.43
CA ASP B 16 4.26 -24.19 7.49
C ASP B 16 3.79 -22.86 6.89
N ARG B 17 3.76 -22.75 5.57
CA ARG B 17 3.29 -21.56 4.89
C ARG B 17 1.99 -21.80 4.14
N ARG B 18 1.42 -23.02 4.23
CA ARG B 18 0.09 -23.22 3.68
C ARG B 18 -0.94 -22.35 4.45
N TYR B 19 -2.03 -22.06 3.76
CA TYR B 19 -3.23 -21.37 4.27
C TYR B 19 -2.85 -19.98 4.81
N THR B 20 -1.82 -19.34 4.21
CA THR B 20 -1.43 -17.97 4.55
C THR B 20 -1.51 -17.04 3.33
N ASN B 21 -2.10 -17.45 2.20
CA ASN B 21 -2.21 -16.59 1.01
C ASN B 21 -0.81 -16.13 0.56
N ALA B 22 0.20 -16.98 0.79
CA ALA B 22 1.58 -16.61 0.41
C ALA B 22 1.76 -16.82 -1.09
N MET B 23 2.22 -15.77 -1.78
N MET B 23 2.22 -15.78 -1.79
CA MET B 23 2.53 -15.84 -3.21
CA MET B 23 2.51 -15.89 -3.21
C MET B 23 3.50 -17.02 -3.46
C MET B 23 3.48 -17.06 -3.44
N ASN B 24 4.47 -17.18 -2.56
CA ASN B 24 5.49 -18.29 -2.62
C ASN B 24 4.82 -19.64 -2.85
N VAL B 25 3.75 -19.88 -2.11
CA VAL B 25 3.03 -21.17 -2.13
C VAL B 25 2.01 -21.18 -3.25
N GLU B 26 1.26 -20.09 -3.42
CA GLU B 26 0.02 -20.15 -4.19
C GLU B 26 0.13 -19.60 -5.61
N GLY B 27 1.13 -18.74 -5.94
CA GLY B 27 0.98 -17.90 -7.10
C GLY B 27 2.10 -18.04 -8.13
N TYR B 28 2.80 -19.17 -8.08
CA TYR B 28 3.92 -19.39 -9.02
C TYR B 28 3.42 -19.46 -10.47
N LYS B 29 2.25 -20.04 -10.72
CA LYS B 29 1.87 -20.25 -12.14
C LYS B 29 1.65 -18.88 -12.80
N GLY B 30 0.93 -17.98 -12.10
CA GLY B 30 0.63 -16.67 -12.64
C GLY B 30 1.86 -15.83 -12.86
N TYR B 31 2.80 -15.88 -11.91
CA TYR B 31 4.02 -15.04 -11.94
C TYR B 31 4.96 -15.51 -13.05
N LEU B 32 5.22 -16.81 -13.07
CA LEU B 32 6.22 -17.40 -13.96
C LEU B 32 5.66 -17.55 -15.39
N PHE B 33 4.36 -17.80 -15.53
CA PHE B 33 3.85 -18.19 -16.85
C PHE B 33 2.75 -17.23 -17.37
N GLY B 34 2.39 -16.23 -16.58
CA GLY B 34 1.36 -15.25 -17.00
C GLY B 34 0.03 -15.90 -17.34
N ASP B 35 -0.52 -15.52 -18.49
CA ASP B 35 -1.86 -15.96 -18.98
C ASP B 35 -1.75 -17.29 -19.75
N ALA B 36 -0.53 -17.81 -19.96
CA ALA B 36 -0.31 -19.02 -20.78
C ALA B 36 -1.02 -20.21 -20.13
N ASP B 37 -1.31 -21.23 -20.96
CA ASP B 37 -1.92 -22.47 -20.55
C ASP B 37 -0.90 -23.31 -19.77
N THR B 38 -1.25 -23.70 -18.54
CA THR B 38 -0.36 -24.50 -17.71
C THR B 38 -1.00 -25.87 -17.43
N SER B 39 -1.97 -26.28 -18.26
CA SER B 39 -2.71 -27.54 -18.07
C SER B 39 -1.80 -28.77 -18.00
N ASP B 40 -0.61 -28.69 -18.62
CA ASP B 40 0.33 -29.83 -18.69
C ASP B 40 1.04 -30.06 -17.34
N LEU B 41 0.98 -29.07 -16.43
CA LEU B 41 1.59 -29.22 -15.10
C LEU B 41 0.67 -30.08 -14.23
N LYS B 42 1.26 -31.10 -13.59
CA LYS B 42 0.55 -31.97 -12.67
C LYS B 42 0.21 -31.20 -11.38
N ASP B 43 -1.08 -30.93 -11.18
CA ASP B 43 -1.62 -30.15 -10.04
C ASP B 43 -1.17 -30.77 -8.71
N ASN B 44 -1.06 -32.10 -8.65
CA ASN B 44 -0.72 -32.84 -7.42
C ASN B 44 0.76 -33.21 -7.44
N ASP B 45 1.62 -32.18 -7.51
CA ASP B 45 3.06 -32.31 -7.31
C ASP B 45 3.41 -31.47 -6.06
N GLU B 46 3.94 -32.13 -5.03
CA GLU B 46 4.37 -31.47 -3.76
C GLU B 46 5.71 -30.75 -3.99
N LEU B 47 5.62 -29.49 -4.42
CA LEU B 47 6.77 -28.77 -4.97
C LEU B 47 7.67 -28.20 -3.86
N ILE B 48 8.98 -28.18 -4.11
CA ILE B 48 9.94 -27.55 -3.22
C ILE B 48 10.15 -26.16 -3.79
N ARG B 49 9.91 -25.15 -2.93
CA ARG B 49 9.89 -23.76 -3.35
C ARG B 49 11.23 -23.07 -3.15
N MET B 50 11.82 -22.68 -4.27
CA MET B 50 13.13 -21.99 -4.21
C MET B 50 13.15 -20.87 -5.24
N TRP B 51 12.05 -20.07 -5.32
CA TRP B 51 11.87 -19.12 -6.44
C TRP B 51 11.83 -17.67 -5.94
N VAL B 52 10.64 -17.21 -5.62
CA VAL B 52 10.42 -15.78 -5.23
C VAL B 52 11.24 -15.43 -3.98
N ALA B 53 11.70 -14.19 -3.94
CA ALA B 53 12.61 -13.73 -2.88
C ALA B 53 11.90 -13.30 -1.60
N ASP B 54 11.29 -14.27 -0.94
CA ASP B 54 10.96 -14.16 0.49
C ASP B 54 11.61 -15.37 1.20
N MET B 55 11.73 -15.31 2.51
CA MET B 55 12.44 -16.38 3.22
C MET B 55 11.46 -17.37 3.83
N ASP B 56 11.93 -18.60 4.04
CA ASP B 56 11.17 -19.61 4.81
C ASP B 56 11.58 -19.48 6.28
N PHE B 57 12.52 -18.60 6.61
CA PHE B 57 12.87 -18.32 7.98
C PHE B 57 11.83 -17.38 8.58
N GLY B 58 11.52 -17.58 9.84
CA GLY B 58 10.54 -16.67 10.48
C GLY B 58 11.05 -15.25 10.57
N THR B 59 10.13 -14.31 10.35
CA THR B 59 10.34 -12.96 10.79
C THR B 59 10.74 -12.97 12.25
N PRO B 60 11.83 -12.30 12.70
CA PRO B 60 12.30 -12.48 14.06
C PRO B 60 11.27 -12.01 15.07
N GLU B 61 11.25 -12.69 16.21
CA GLU B 61 10.30 -12.39 17.29
C GLU B 61 10.42 -10.94 17.75
N VAL B 62 11.61 -10.32 17.76
CA VAL B 62 11.68 -8.94 18.20
C VAL B 62 10.76 -8.05 17.34
N VAL B 63 10.62 -8.38 16.05
CA VAL B 63 9.83 -7.61 15.08
C VAL B 63 8.36 -7.98 15.31
N LEU B 64 8.07 -9.27 15.43
CA LEU B 64 6.68 -9.70 15.61
C LEU B 64 6.14 -9.17 16.93
N ASN B 65 6.99 -9.16 17.97
CA ASN B 65 6.53 -8.65 19.27
C ASN B 65 6.25 -7.14 19.24
N ALA B 66 6.96 -6.38 18.41
CA ALA B 66 6.63 -4.98 18.26
C ALA B 66 5.24 -4.80 17.66
N ILE B 67 4.90 -5.66 16.68
CA ILE B 67 3.58 -5.60 16.06
C ILE B 67 2.54 -5.95 17.13
N ARG B 68 2.81 -6.98 17.94
CA ARG B 68 1.86 -7.39 19.00
C ARG B 68 1.62 -6.24 19.98
N GLU B 69 2.67 -5.51 20.35
CA GLU B 69 2.52 -4.45 21.34
C GLU B 69 1.68 -3.31 20.74
N ARG B 70 1.86 -3.06 19.44
CA ARG B 70 1.00 -2.06 18.75
C ARG B 70 -0.45 -2.51 18.71
N LEU B 71 -0.75 -3.79 18.49
CA LEU B 71 -2.13 -4.28 18.45
C LEU B 71 -2.78 -4.06 19.84
N ASN B 72 -1.95 -4.08 20.88
CA ASN B 72 -2.49 -3.97 22.26
C ASN B 72 -3.04 -2.55 22.49
N LYS B 73 -2.66 -1.61 21.62
CA LYS B 73 -3.17 -0.21 21.67
C LYS B 73 -4.52 -0.07 20.97
N LYS B 74 -5.06 -1.16 20.42
CA LYS B 74 -6.44 -1.42 20.11
C LYS B 74 -7.03 -0.70 18.87
N ILE B 75 -6.48 0.44 18.45
CA ILE B 75 -7.02 1.20 17.30
C ILE B 75 -5.99 1.16 16.17
N LEU B 76 -6.43 0.82 14.97
CA LEU B 76 -5.55 0.74 13.77
C LEU B 76 -6.01 1.79 12.77
N GLY B 77 -5.97 3.06 13.20
CA GLY B 77 -6.46 4.14 12.41
C GLY B 77 -5.42 4.77 11.47
N TYR B 78 -5.72 5.97 10.95
CA TYR B 78 -4.85 6.66 10.02
C TYR B 78 -3.50 6.94 10.71
N THR B 79 -2.41 6.63 10.00
CA THR B 79 -1.08 6.68 10.56
C THR B 79 -0.16 7.38 9.55
N ASN B 80 0.78 8.12 10.09
CA ASN B 80 1.90 8.64 9.30
C ASN B 80 3.14 8.64 10.18
N VAL B 81 4.27 9.01 9.60
CA VAL B 81 5.50 9.02 10.30
C VAL B 81 5.66 10.41 10.89
N PHE B 82 5.39 10.54 12.18
CA PHE B 82 5.49 11.80 12.88
C PHE B 82 6.74 11.81 13.76
N GLY B 83 7.27 13.01 13.94
CA GLY B 83 8.43 13.21 14.75
C GLY B 83 9.65 12.62 14.06
N SER B 84 10.66 12.26 14.86
N SER B 84 10.68 12.30 14.85
CA SER B 84 12.00 11.94 14.36
CA SER B 84 12.01 11.94 14.32
C SER B 84 12.47 10.54 14.77
C SER B 84 12.47 10.54 14.77
N GLU B 85 11.68 9.82 15.56
CA GLU B 85 12.12 8.52 16.13
C GLU B 85 12.42 7.53 15.00
N TYR B 86 11.58 7.46 13.96
CA TYR B 86 11.80 6.50 12.88
C TYR B 86 13.07 6.87 12.11
N TYR B 87 13.16 8.13 11.69
CA TYR B 87 14.35 8.67 11.03
C TYR B 87 15.61 8.33 11.83
N GLU B 88 15.59 8.59 13.13
CA GLU B 88 16.78 8.39 13.96
C GLU B 88 17.18 6.91 13.94
N ALA B 89 16.21 5.99 13.97
CA ALA B 89 16.51 4.57 13.97
C ALA B 89 17.16 4.19 12.64
N PHE B 90 16.61 4.70 11.53
CA PHE B 90 17.07 4.32 10.20
C PHE B 90 18.46 4.91 9.95
N VAL B 91 18.65 6.21 10.22
CA VAL B 91 19.94 6.80 9.92
C VAL B 91 20.99 6.27 10.90
N SER B 92 20.61 5.90 12.14
CA SER B 92 21.57 5.27 13.04
C SER B 92 22.14 3.98 12.42
N TRP B 93 21.26 3.17 11.82
CA TRP B 93 21.63 1.93 11.14
C TRP B 93 22.58 2.23 9.97
N THR B 94 22.22 3.17 9.07
CA THR B 94 23.07 3.47 7.91
C THR B 94 24.43 4.07 8.32
N LYS B 95 24.41 4.94 9.33
CA LYS B 95 25.67 5.53 9.78
C LYS B 95 26.58 4.43 10.32
N LYS B 96 26.00 3.60 11.19
CA LYS B 96 26.79 2.58 11.93
C LYS B 96 27.36 1.58 10.92
N ARG B 97 26.54 1.12 9.97
CA ARG B 97 26.89 -0.03 9.12
CA ARG B 97 26.89 -0.02 9.11
C ARG B 97 27.67 0.41 7.87
N TYR B 98 27.42 1.63 7.34
CA TYR B 98 28.05 2.09 6.06
C TYR B 98 28.63 3.50 6.08
N GLY B 99 28.57 4.19 7.24
CA GLY B 99 29.01 5.55 7.36
C GLY B 99 28.23 6.49 6.47
N PHE B 100 26.95 6.15 6.25
CA PHE B 100 26.03 6.88 5.38
C PHE B 100 25.00 7.65 6.20
N THR B 101 24.98 8.97 6.05
CA THR B 101 24.00 9.83 6.67
C THR B 101 23.28 10.63 5.58
N PHE B 102 22.05 11.02 5.90
CA PHE B 102 21.20 11.80 5.03
C PHE B 102 20.25 12.58 5.96
N SER B 103 19.68 13.68 5.46
CA SER B 103 18.81 14.54 6.28
C SER B 103 17.40 13.97 6.35
N GLN B 104 16.75 14.25 7.47
CA GLN B 104 15.39 13.81 7.65
C GLN B 104 14.48 14.33 6.53
N GLU B 105 14.73 15.55 6.06
CA GLU B 105 13.84 16.18 5.02
C GLU B 105 13.88 15.37 3.71
N HIS B 106 15.00 14.64 3.49
CA HIS B 106 15.20 13.94 2.26
C HIS B 106 14.60 12.53 2.27
N LEU B 107 14.03 12.08 3.39
CA LEU B 107 13.52 10.71 3.52
C LEU B 107 12.01 10.76 3.29
N VAL B 108 11.55 9.99 2.30
CA VAL B 108 10.17 9.80 2.05
C VAL B 108 9.90 8.29 1.98
N PHE B 109 8.62 7.90 1.76
CA PHE B 109 8.19 6.51 1.97
C PHE B 109 7.34 6.04 0.80
N SER B 110 7.47 4.77 0.46
CA SER B 110 6.69 4.10 -0.55
CA SER B 110 6.63 4.12 -0.52
C SER B 110 6.15 2.78 0.03
N HIS B 111 5.16 2.21 -0.64
CA HIS B 111 4.60 0.93 -0.21
C HIS B 111 5.23 -0.21 -0.97
N GLY B 112 6.49 -0.47 -0.60
CA GLY B 112 7.33 -1.36 -1.31
C GLY B 112 8.17 -0.62 -2.34
N ILE B 113 9.30 -1.23 -2.69
CA ILE B 113 10.25 -0.50 -3.53
C ILE B 113 9.78 -0.47 -5.00
N VAL B 114 9.09 -1.52 -5.48
CA VAL B 114 8.62 -1.46 -6.88
C VAL B 114 7.59 -0.33 -7.04
N ALA B 115 6.67 -0.17 -6.07
CA ALA B 115 5.74 0.95 -6.12
C ALA B 115 6.51 2.27 -6.15
N GLY B 116 7.57 2.35 -5.36
CA GLY B 116 8.41 3.54 -5.33
C GLY B 116 9.04 3.81 -6.69
N LEU B 117 9.60 2.77 -7.32
CA LEU B 117 10.24 2.87 -8.64
C LEU B 117 9.24 3.39 -9.66
N ILE B 118 8.02 2.81 -9.66
CA ILE B 118 7.02 3.21 -10.64
C ILE B 118 6.77 4.72 -10.51
N GLU B 119 6.62 5.20 -9.27
CA GLU B 119 6.27 6.59 -9.01
C GLU B 119 7.46 7.47 -9.42
N LEU B 120 8.66 7.05 -9.03
CA LEU B 120 9.89 7.84 -9.30
C LEU B 120 10.07 8.00 -10.81
N VAL B 121 9.98 6.91 -11.58
CA VAL B 121 10.21 6.92 -13.02
C VAL B 121 9.25 7.93 -13.69
N GLY B 122 7.98 7.93 -13.27
CA GLY B 122 6.95 8.85 -13.74
C GLY B 122 7.33 10.30 -13.53
N TYR B 123 7.94 10.62 -12.38
CA TYR B 123 8.32 12.01 -12.05
C TYR B 123 9.57 12.43 -12.82
N ILE B 124 10.52 11.51 -12.98
CA ILE B 124 11.85 11.85 -13.52
C ILE B 124 11.79 11.93 -15.04
N CYS B 125 11.10 10.99 -15.70
CA CYS B 125 11.20 10.78 -17.15
C CYS B 125 10.02 11.41 -17.89
N ASP B 126 10.33 12.10 -19.00
CA ASP B 126 9.36 12.55 -20.01
C ASP B 126 9.21 11.47 -21.09
N LYS B 127 8.13 11.63 -21.87
CA LYS B 127 7.61 10.56 -22.78
C LYS B 127 8.71 9.94 -23.66
N ASP B 128 9.67 10.76 -24.13
CA ASP B 128 10.65 10.31 -25.10
C ASP B 128 12.00 10.01 -24.42
N ASP B 129 12.03 10.06 -23.09
CA ASP B 129 13.25 9.72 -22.33
C ASP B 129 13.41 8.21 -22.30
N LYS B 130 14.67 7.78 -22.12
CA LYS B 130 14.95 6.35 -22.04
C LYS B 130 15.63 6.06 -20.71
N ALA B 131 15.50 4.79 -20.30
CA ALA B 131 16.17 4.27 -19.04
C ALA B 131 17.18 3.18 -19.42
N LEU B 132 18.27 3.11 -18.64
CA LEU B 132 19.29 2.09 -18.80
C LEU B 132 19.25 1.15 -17.60
N ILE B 133 19.32 -0.16 -17.88
CA ILE B 133 19.59 -1.15 -16.86
C ILE B 133 20.74 -2.04 -17.33
N VAL B 134 21.53 -2.56 -16.38
CA VAL B 134 22.50 -3.59 -16.70
C VAL B 134 21.76 -4.92 -16.63
N THR B 135 22.19 -5.89 -17.45
CA THR B 135 21.49 -7.15 -17.56
C THR B 135 22.49 -8.30 -17.34
N PRO B 136 22.04 -9.41 -16.74
CA PRO B 136 20.68 -9.70 -16.30
C PRO B 136 20.18 -8.81 -15.15
N SER B 137 18.84 -8.68 -15.03
CA SER B 137 18.23 -7.66 -14.17
C SER B 137 17.03 -8.25 -13.46
N TYR B 138 16.81 -7.77 -12.23
CA TYR B 138 15.52 -7.87 -11.60
C TYR B 138 14.46 -7.32 -12.57
N GLY B 139 13.40 -8.08 -12.80
CA GLY B 139 12.50 -7.80 -13.89
C GLY B 139 11.65 -6.53 -13.71
N PRO B 140 11.18 -6.25 -12.49
CA PRO B 140 10.41 -5.04 -12.28
C PRO B 140 11.16 -3.74 -12.58
N PHE B 141 12.49 -3.75 -12.70
CA PHE B 141 13.15 -2.52 -13.14
C PHE B 141 12.63 -2.16 -14.55
N LYS B 142 12.56 -3.15 -15.42
CA LYS B 142 11.99 -2.90 -16.76
C LYS B 142 10.48 -2.64 -16.66
N MET B 143 9.76 -3.42 -15.85
CA MET B 143 8.29 -3.26 -15.76
C MET B 143 7.95 -1.85 -15.28
N ALA B 144 8.75 -1.28 -14.38
CA ALA B 144 8.47 0.07 -13.88
C ALA B 144 8.57 1.11 -15.01
N CYS B 145 9.50 0.90 -15.93
CA CYS B 145 9.67 1.74 -17.11
C CYS B 145 8.47 1.54 -18.05
N ASP B 146 8.15 0.28 -18.34
CA ASP B 146 6.96 -0.09 -19.19
C ASP B 146 5.69 0.60 -18.68
N LYS B 147 5.48 0.64 -17.36
CA LYS B 147 4.25 1.13 -16.77
C LYS B 147 4.13 2.64 -17.09
N ASN B 148 5.27 3.31 -17.20
CA ASN B 148 5.39 4.74 -17.47
C ASN B 148 5.64 5.07 -18.95
N HIS B 149 5.56 4.07 -19.84
CA HIS B 149 5.81 4.18 -21.28
C HIS B 149 7.21 4.68 -21.60
N ILE B 150 8.15 4.35 -20.71
CA ILE B 150 9.56 4.66 -20.90
C ILE B 150 10.28 3.42 -21.45
N SER B 151 10.96 3.57 -22.61
CA SER B 151 11.75 2.55 -23.27
C SER B 151 13.03 2.31 -22.47
N THR B 152 13.47 1.05 -22.44
CA THR B 152 14.63 0.62 -21.67
CA THR B 152 14.64 0.63 -21.66
C THR B 152 15.73 0.18 -22.65
N VAL B 153 16.97 0.55 -22.33
CA VAL B 153 18.15 0.13 -23.01
C VAL B 153 18.93 -0.80 -22.07
N TYR B 154 19.51 -1.90 -22.60
CA TYR B 154 20.25 -2.86 -21.77
C TYR B 154 21.75 -2.72 -21.99
N SER B 155 22.50 -2.77 -20.88
CA SER B 155 23.94 -2.93 -20.96
C SER B 155 24.31 -4.28 -20.34
N PRO B 156 24.65 -5.31 -21.12
CA PRO B 156 24.93 -6.62 -20.56
C PRO B 156 26.20 -6.55 -19.71
N LEU B 157 26.08 -7.06 -18.49
CA LEU B 157 27.22 -7.33 -17.64
C LEU B 157 28.14 -8.38 -18.29
N ILE B 158 29.42 -8.24 -17.99
CA ILE B 158 30.45 -9.21 -18.41
C ILE B 158 30.53 -10.33 -17.39
N ASN B 159 30.51 -11.56 -17.87
CA ASN B 159 30.47 -12.69 -16.97
C ASN B 159 31.75 -13.51 -17.08
N HIS B 160 32.53 -13.66 -16.00
CA HIS B 160 33.55 -14.73 -15.97
C HIS B 160 33.12 -15.75 -14.91
N HIS B 161 32.53 -16.86 -15.36
CA HIS B 161 32.21 -18.04 -14.48
C HIS B 161 31.39 -17.65 -13.24
N GLY B 162 30.49 -16.69 -13.40
CA GLY B 162 29.56 -16.28 -12.39
C GLY B 162 30.02 -15.04 -11.63
N TYR B 163 31.21 -14.52 -11.96
CA TYR B 163 31.67 -13.25 -11.41
C TYR B 163 31.37 -12.22 -12.48
N TYR B 164 30.42 -11.34 -12.19
CA TYR B 164 29.98 -10.37 -13.16
C TYR B 164 30.55 -8.98 -12.92
N GLU B 165 30.76 -8.24 -14.02
CA GLU B 165 31.23 -6.86 -13.85
CA GLU B 165 31.41 -6.93 -14.04
C GLU B 165 30.60 -6.00 -14.95
N ILE B 166 30.63 -4.70 -14.68
CA ILE B 166 30.02 -3.72 -15.51
C ILE B 166 30.94 -3.46 -16.70
N ASP B 167 30.35 -3.38 -17.87
CA ASP B 167 31.05 -3.03 -19.09
C ASP B 167 30.93 -1.51 -19.22
N PHE B 168 31.86 -0.81 -18.56
CA PHE B 168 31.83 0.63 -18.50
C PHE B 168 31.88 1.28 -19.91
N ASP B 169 32.71 0.73 -20.82
CA ASP B 169 32.76 1.22 -22.21
C ASP B 169 31.34 1.21 -22.80
N ASP B 170 30.59 0.11 -22.57
CA ASP B 170 29.27 -0.07 -23.15
C ASP B 170 28.29 0.92 -22.51
N VAL B 171 28.31 1.05 -21.19
CA VAL B 171 27.43 1.96 -20.52
C VAL B 171 27.69 3.37 -21.06
N ARG B 172 28.96 3.76 -21.15
CA ARG B 172 29.34 5.13 -21.55
C ARG B 172 28.83 5.38 -22.97
N LYS B 173 29.03 4.40 -23.87
CA LYS B 173 28.63 4.57 -25.28
C LYS B 173 27.12 4.79 -25.37
N LYS B 174 26.36 3.97 -24.64
CA LYS B 174 24.93 4.03 -24.66
C LYS B 174 24.40 5.33 -24.05
N VAL B 175 24.98 5.75 -22.91
CA VAL B 175 24.54 6.97 -22.26
C VAL B 175 24.79 8.20 -23.15
N GLU B 176 25.86 8.15 -23.92
CA GLU B 176 26.30 9.25 -24.79
C GLU B 176 25.44 9.27 -26.06
N THR B 177 25.09 8.11 -26.61
CA THR B 177 24.46 8.08 -27.95
C THR B 177 22.94 7.94 -27.86
N GLU B 178 22.40 7.41 -26.75
CA GLU B 178 20.96 7.29 -26.57
C GLU B 178 20.50 8.41 -25.64
N ASN B 179 19.19 8.65 -25.66
CA ASN B 179 18.56 9.68 -24.86
C ASN B 179 18.36 9.15 -23.43
N ILE B 180 19.45 8.72 -22.77
CA ILE B 180 19.28 8.09 -21.43
C ILE B 180 19.19 9.17 -20.35
N LYS B 181 18.05 9.15 -19.67
CA LYS B 181 17.63 10.09 -18.65
C LYS B 181 17.89 9.49 -17.27
N LEU B 182 17.75 8.16 -17.17
CA LEU B 182 17.71 7.46 -15.88
C LEU B 182 18.40 6.11 -16.03
N CYS B 183 19.19 5.74 -15.01
CA CYS B 183 19.68 4.36 -14.83
C CYS B 183 19.09 3.81 -13.52
N ILE B 184 18.46 2.63 -13.60
CA ILE B 184 17.95 1.91 -12.41
C ILE B 184 18.94 0.78 -12.13
N PHE B 185 19.48 0.73 -10.88
CA PHE B 185 20.65 -0.01 -10.55
C PHE B 185 20.45 -0.71 -9.21
N ALA B 186 20.81 -2.00 -9.15
CA ALA B 186 20.72 -2.79 -7.92
C ALA B 186 22.11 -2.88 -7.31
N ASN B 187 22.19 -2.39 -6.07
CA ASN B 187 23.44 -2.34 -5.30
C ASN B 187 23.18 -2.83 -3.88
N PRO B 188 23.42 -4.12 -3.55
CA PRO B 188 24.00 -5.16 -4.41
C PRO B 188 23.03 -5.73 -5.46
N HIS B 189 23.62 -6.48 -6.39
CA HIS B 189 22.91 -6.85 -7.60
C HIS B 189 22.14 -8.16 -7.43
N ASN B 190 20.92 -8.12 -8.00
CA ASN B 190 20.05 -9.27 -8.23
C ASN B 190 19.93 -9.46 -9.75
N PRO B 191 20.29 -10.64 -10.31
CA PRO B 191 20.46 -11.92 -9.65
C PRO B 191 21.91 -12.36 -9.40
N THR B 192 22.91 -11.51 -9.74
CA THR B 192 24.29 -11.98 -9.80
C THR B 192 24.97 -11.93 -8.44
N GLY B 193 24.39 -11.18 -7.49
CA GLY B 193 24.88 -11.11 -6.13
C GLY B 193 26.11 -10.21 -5.97
N ARG B 194 26.48 -9.44 -6.99
CA ARG B 194 27.68 -8.62 -6.79
C ARG B 194 27.48 -7.56 -5.69
N VAL B 195 28.51 -7.41 -4.83
CA VAL B 195 28.72 -6.28 -3.95
C VAL B 195 29.69 -5.33 -4.64
N TRP B 196 29.14 -4.21 -5.12
CA TRP B 196 29.97 -3.30 -5.94
C TRP B 196 30.98 -2.58 -5.05
N SER B 197 32.20 -2.47 -5.54
CA SER B 197 33.23 -1.70 -4.82
C SER B 197 33.00 -0.19 -4.97
N GLU B 198 33.61 0.59 -4.07
CA GLU B 198 33.56 2.04 -4.21
C GLU B 198 34.06 2.46 -5.59
N GLU B 199 35.12 1.79 -6.10
CA GLU B 199 35.71 2.13 -7.36
C GLU B 199 34.73 1.87 -8.50
N GLU B 200 33.99 0.77 -8.45
CA GLU B 200 33.01 0.49 -9.53
C GLU B 200 31.89 1.52 -9.52
N LEU B 201 31.40 1.80 -8.30
CA LEU B 201 30.32 2.73 -8.19
C LEU B 201 30.76 4.14 -8.59
N ALA B 202 31.97 4.54 -8.17
CA ALA B 202 32.50 5.86 -8.58
C ALA B 202 32.65 5.96 -10.10
N THR B 203 33.14 4.88 -10.74
CA THR B 203 33.33 4.90 -12.17
C THR B 203 31.97 5.08 -12.88
N LEU B 204 30.96 4.35 -12.41
CA LEU B 204 29.62 4.50 -12.98
C LEU B 204 29.06 5.88 -12.71
N GLY B 205 29.26 6.39 -11.48
CA GLY B 205 28.81 7.72 -11.08
C GLY B 205 29.40 8.83 -11.94
N GLN B 206 30.64 8.71 -12.39
N GLN B 206 30.69 8.71 -12.30
CA GLN B 206 31.22 9.82 -13.15
CA GLN B 206 31.36 9.68 -13.21
C GLN B 206 30.64 9.80 -14.58
C GLN B 206 30.50 9.79 -14.48
N ILE B 207 30.21 8.63 -15.09
CA ILE B 207 29.51 8.54 -16.39
C ILE B 207 28.16 9.24 -16.24
N MET B 208 27.47 8.98 -15.13
CA MET B 208 26.12 9.52 -14.94
C MET B 208 26.20 11.04 -14.74
N LYS B 209 27.18 11.50 -13.96
CA LYS B 209 27.30 12.96 -13.71
C LYS B 209 27.64 13.71 -15.01
N GLU B 210 28.53 13.11 -15.80
CA GLU B 210 29.00 13.78 -17.02
C GLU B 210 27.86 13.89 -18.03
N ASN B 211 26.85 13.02 -17.92
CA ASN B 211 25.80 12.96 -18.90
C ASN B 211 24.44 13.36 -18.34
N ASP B 212 24.42 13.90 -17.09
CA ASP B 212 23.21 14.43 -16.46
C ASP B 212 22.14 13.33 -16.38
N VAL B 213 22.57 12.10 -16.04
CA VAL B 213 21.67 10.96 -15.97
C VAL B 213 21.33 10.78 -14.50
N TRP B 214 20.06 10.56 -14.19
CA TRP B 214 19.62 10.22 -12.86
C TRP B 214 19.95 8.75 -12.53
N LEU B 215 20.20 8.41 -11.28
N LEU B 215 20.13 8.48 -11.24
CA LEU B 215 20.37 6.98 -11.00
CA LEU B 215 20.40 7.15 -10.72
C LEU B 215 19.68 6.63 -9.67
C LEU B 215 19.41 6.84 -9.63
N ILE B 216 18.75 5.68 -9.76
CA ILE B 216 18.09 5.09 -8.65
C ILE B 216 18.91 3.87 -8.27
N SER B 217 19.45 3.94 -7.07
CA SER B 217 20.17 2.81 -6.45
C SER B 217 19.23 2.06 -5.50
N ASP B 218 18.84 0.84 -5.94
CA ASP B 218 17.98 -0.02 -5.16
C ASP B 218 18.85 -0.93 -4.28
N GLU B 219 18.88 -0.62 -2.97
CA GLU B 219 19.82 -1.26 -2.05
C GLU B 219 19.08 -2.22 -1.08
N ILE B 220 17.99 -2.83 -1.58
CA ILE B 220 17.12 -3.64 -0.74
C ILE B 220 17.85 -4.90 -0.21
N HIS B 221 18.88 -5.36 -0.92
CA HIS B 221 19.64 -6.55 -0.51
C HIS B 221 20.89 -6.22 0.32
N CYS B 222 21.05 -4.94 0.71
CA CYS B 222 22.35 -4.47 1.20
C CYS B 222 22.80 -5.09 2.53
N ASP B 223 21.90 -5.62 3.36
CA ASP B 223 22.24 -6.20 4.66
C ASP B 223 22.21 -7.74 4.61
N ILE B 224 22.10 -8.33 3.40
CA ILE B 224 22.19 -9.77 3.22
C ILE B 224 23.47 -10.05 2.42
N LYS B 225 24.55 -10.39 3.14
CA LYS B 225 25.82 -10.55 2.49
C LYS B 225 26.73 -11.47 3.31
N ARG B 226 27.71 -12.01 2.60
CA ARG B 226 28.67 -12.95 3.26
C ARG B 226 29.45 -12.24 4.37
N SER B 227 29.84 -13.03 5.38
CA SER B 227 30.59 -12.54 6.51
C SER B 227 31.82 -11.81 6.00
N GLY B 228 32.02 -10.59 6.47
CA GLY B 228 33.20 -9.81 6.08
C GLY B 228 32.99 -8.85 4.93
N GLN B 229 31.86 -8.99 4.23
CA GLN B 229 31.52 -8.07 3.14
C GLN B 229 30.96 -6.76 3.72
N SER B 230 31.30 -5.65 3.08
CA SER B 230 30.78 -4.33 3.45
C SER B 230 29.88 -3.88 2.33
N HIS B 231 28.97 -2.99 2.66
CA HIS B 231 28.12 -2.39 1.68
C HIS B 231 28.48 -0.92 1.59
N ILE B 232 28.54 -0.38 0.36
CA ILE B 232 28.74 1.02 0.16
C ILE B 232 27.57 1.58 -0.62
N PRO B 233 26.76 2.44 0.02
CA PRO B 233 25.67 3.07 -0.74
C PRO B 233 26.19 3.86 -1.93
N PHE B 234 25.49 3.82 -3.05
CA PHE B 234 25.82 4.61 -4.24
C PHE B 234 26.04 6.07 -3.86
N ALA B 235 25.15 6.59 -3.00
CA ALA B 235 25.23 8.04 -2.64
C ALA B 235 26.39 8.31 -1.67
N LYS B 236 26.98 7.27 -1.08
CA LYS B 236 28.21 7.41 -0.27
C LYS B 236 29.41 7.42 -1.20
N ALA B 237 29.40 6.50 -2.19
CA ALA B 237 30.52 6.42 -3.15
C ALA B 237 30.59 7.62 -4.10
N VAL B 238 29.43 8.24 -4.37
CA VAL B 238 29.28 9.36 -5.25
C VAL B 238 28.49 10.40 -4.47
N PRO B 239 29.14 11.09 -3.53
CA PRO B 239 28.43 11.98 -2.60
C PRO B 239 28.11 13.39 -3.14
N ASP B 240 28.61 13.66 -4.33
CA ASP B 240 28.59 15.00 -4.98
C ASP B 240 27.62 15.01 -6.17
N TYR B 241 26.51 14.27 -6.06
CA TYR B 241 25.55 14.32 -7.13
C TYR B 241 24.14 14.14 -6.55
N ASP B 242 23.31 15.18 -6.63
CA ASP B 242 21.97 15.09 -6.02
C ASP B 242 20.97 14.28 -6.84
N LYS B 243 21.38 13.70 -7.97
CA LYS B 243 20.44 12.90 -8.74
C LYS B 243 20.65 11.41 -8.47
N ILE B 244 21.32 11.06 -7.36
CA ILE B 244 21.31 9.70 -6.91
C ILE B 244 20.21 9.57 -5.86
N ILE B 245 19.25 8.69 -6.14
CA ILE B 245 18.18 8.35 -5.27
C ILE B 245 18.46 6.97 -4.68
N THR B 246 18.24 6.83 -3.37
CA THR B 246 18.52 5.59 -2.64
C THR B 246 17.20 4.95 -2.18
N THR B 247 17.04 3.64 -2.42
CA THR B 247 15.90 2.90 -1.87
C THR B 247 16.42 1.81 -0.93
N MET B 248 15.87 1.71 0.29
CA MET B 248 16.26 0.71 1.26
C MET B 248 15.01 0.35 2.02
N SER B 249 14.99 -0.85 2.59
CA SER B 249 13.86 -1.30 3.38
C SER B 249 14.36 -2.38 4.30
N GLN B 250 13.51 -2.84 5.22
CA GLN B 250 13.80 -4.06 6.00
C GLN B 250 13.03 -5.26 5.43
N SER B 251 12.33 -5.10 4.30
N SER B 251 12.37 -5.09 4.28
CA SER B 251 11.49 -6.15 3.75
CA SER B 251 11.48 -6.05 3.64
C SER B 251 12.31 -7.40 3.51
C SER B 251 12.23 -7.37 3.35
N LYS B 252 13.42 -7.26 2.77
CA LYS B 252 14.20 -8.45 2.40
C LYS B 252 14.92 -9.02 3.63
N ALA B 253 15.64 -8.15 4.34
CA ALA B 253 16.48 -8.60 5.41
C ALA B 253 15.68 -9.26 6.54
N PHE B 254 14.47 -8.76 6.83
CA PHE B 254 13.68 -9.22 7.99
C PHE B 254 12.43 -10.00 7.56
N ASN B 255 12.26 -10.27 6.26
CA ASN B 255 11.19 -11.13 5.77
C ASN B 255 9.82 -10.52 6.08
N ILE B 256 9.69 -9.23 5.79
CA ILE B 256 8.47 -8.48 5.98
C ILE B 256 8.07 -7.77 4.67
N ALA B 257 8.26 -8.41 3.51
CA ALA B 257 7.81 -7.84 2.23
C ALA B 257 6.31 -7.59 2.21
N GLY B 258 5.53 -8.44 2.91
CA GLY B 258 4.13 -8.25 2.94
C GLY B 258 3.70 -6.97 3.64
N LEU B 259 4.59 -6.32 4.38
CA LEU B 259 4.21 -5.09 5.10
C LEU B 259 4.35 -3.83 4.24
N MET B 260 4.97 -3.93 3.06
CA MET B 260 4.95 -2.85 2.06
C MET B 260 5.24 -1.47 2.65
N PHE B 261 6.47 -1.28 3.17
CA PHE B 261 6.90 0.01 3.72
C PHE B 261 8.39 0.15 3.43
N SER B 262 8.77 1.20 2.70
CA SER B 262 10.07 1.34 2.13
C SER B 262 10.54 2.76 2.31
N ASN B 263 11.86 2.93 2.40
CA ASN B 263 12.54 4.23 2.50
C ASN B 263 13.05 4.67 1.13
N ILE B 264 12.78 5.95 0.75
CA ILE B 264 13.33 6.53 -0.48
C ILE B 264 14.05 7.79 -0.04
N ILE B 265 15.31 7.91 -0.37
CA ILE B 265 16.06 9.11 -0.01
C ILE B 265 16.28 9.92 -1.28
N ILE B 266 15.71 11.13 -1.28
CA ILE B 266 15.71 12.00 -2.46
C ILE B 266 16.45 13.28 -2.06
N GLN B 267 17.61 13.49 -2.70
CA GLN B 267 18.51 14.59 -2.39
C GLN B 267 18.28 15.77 -3.33
N ASN B 268 17.48 15.59 -4.39
CA ASN B 268 17.23 16.63 -5.36
C ASN B 268 16.00 17.40 -4.89
N GLU B 269 16.16 18.70 -4.66
CA GLU B 269 15.09 19.49 -4.00
C GLU B 269 13.86 19.56 -4.90
N SER B 270 14.05 19.62 -6.21
CA SER B 270 12.96 19.72 -7.15
C SER B 270 12.14 18.43 -7.16
N LEU B 271 12.79 17.28 -7.29
CA LEU B 271 12.08 16.01 -7.27
C LEU B 271 11.40 15.80 -5.93
N LEU B 272 12.04 16.24 -4.85
CA LEU B 272 11.45 16.05 -3.52
C LEU B 272 10.13 16.84 -3.42
N LYS B 273 10.13 18.07 -3.96
CA LYS B 273 8.90 18.87 -3.93
C LYS B 273 7.80 18.18 -4.71
N THR B 274 8.14 17.66 -5.88
CA THR B 274 7.22 16.90 -6.69
C THR B 274 6.66 15.74 -5.86
N TRP B 275 7.56 14.92 -5.27
CA TRP B 275 7.13 13.80 -4.48
C TRP B 275 6.17 14.26 -3.40
N ASN B 276 6.56 15.26 -2.62
CA ASN B 276 5.85 15.73 -1.44
C ASN B 276 4.43 16.23 -1.81
N THR B 277 4.30 16.89 -2.95
CA THR B 277 3.01 17.47 -3.34
C THR B 277 2.17 16.48 -4.14
N HIS B 278 2.75 15.44 -4.75
CA HIS B 278 2.01 14.54 -5.61
C HIS B 278 1.82 13.14 -5.02
N HIS B 279 2.66 12.73 -4.07
CA HIS B 279 2.60 11.38 -3.58
C HIS B 279 1.36 11.26 -2.72
N PHE B 280 0.52 10.27 -3.04
CA PHE B 280 -0.59 9.95 -2.17
C PHE B 280 -0.26 8.72 -1.32
N GLY B 281 -0.75 8.72 -0.09
CA GLY B 281 -0.70 7.53 0.75
C GLY B 281 -0.29 7.86 2.18
N THR B 282 -1.04 7.28 3.11
CA THR B 282 -0.67 7.25 4.52
C THR B 282 0.09 5.94 4.76
N GLU B 283 0.42 5.64 6.03
CA GLU B 283 1.24 4.47 6.31
C GLU B 283 0.49 3.48 7.18
N ASN B 284 0.92 2.22 7.10
CA ASN B 284 0.30 1.17 7.92
C ASN B 284 1.01 1.15 9.26
N PRO B 285 0.31 1.32 10.40
CA PRO B 285 0.98 1.37 11.70
C PRO B 285 1.73 0.06 11.99
N LEU B 286 1.18 -1.06 11.55
CA LEU B 286 1.85 -2.34 11.84
C LEU B 286 3.16 -2.41 11.04
N SER B 287 3.12 -1.90 9.82
CA SER B 287 4.29 -1.92 8.95
C SER B 287 5.41 -1.02 9.49
N VAL B 288 5.04 0.16 9.97
CA VAL B 288 6.03 1.10 10.49
C VAL B 288 6.62 0.57 11.80
N VAL B 289 5.83 0.08 12.74
CA VAL B 289 6.38 -0.45 14.02
C VAL B 289 7.31 -1.64 13.73
N ALA B 290 6.93 -2.50 12.78
CA ALA B 290 7.76 -3.70 12.42
C ALA B 290 9.13 -3.25 11.91
N THR B 291 9.12 -2.30 10.97
CA THR B 291 10.34 -1.84 10.35
C THR B 291 11.23 -1.13 11.38
N GLN B 292 10.65 -0.24 12.20
CA GLN B 292 11.38 0.48 13.18
C GLN B 292 12.04 -0.51 14.18
N ALA B 293 11.30 -1.56 14.55
CA ALA B 293 11.77 -2.60 15.48
C ALA B 293 13.00 -3.29 14.87
N ALA B 294 12.99 -3.55 13.56
CA ALA B 294 14.14 -4.16 12.87
C ALA B 294 15.38 -3.27 13.01
N TYR B 295 15.23 -1.97 12.76
CA TYR B 295 16.33 -1.03 12.89
C TYR B 295 16.83 -0.95 14.33
N GLU B 296 15.93 -1.00 15.32
CA GLU B 296 16.30 -0.71 16.70
C GLU B 296 16.83 -1.97 17.40
N LYS B 297 16.35 -3.16 17.03
CA LYS B 297 16.56 -4.37 17.83
C LYS B 297 17.07 -5.56 17.01
N GLY B 298 17.22 -5.44 15.67
CA GLY B 298 17.30 -6.63 14.82
C GLY B 298 18.71 -7.12 14.52
N GLU B 299 19.73 -6.44 15.08
N GLU B 299 19.77 -6.46 15.00
CA GLU B 299 21.14 -6.61 14.74
CA GLU B 299 21.12 -6.75 14.45
C GLU B 299 21.59 -8.07 14.92
C GLU B 299 21.58 -8.16 14.86
N GLY B 300 21.24 -8.63 16.06
CA GLY B 300 21.74 -9.97 16.51
C GLY B 300 21.16 -11.08 15.66
N TRP B 301 19.83 -11.01 15.46
CA TRP B 301 19.14 -11.98 14.67
C TRP B 301 19.69 -11.94 13.24
N LEU B 302 19.85 -10.73 12.71
CA LEU B 302 20.24 -10.60 11.29
C LEU B 302 21.63 -11.22 11.09
N GLN B 303 22.50 -11.01 12.06
CA GLN B 303 23.85 -11.59 12.02
C GLN B 303 23.74 -13.12 11.97
N ALA B 304 22.93 -13.69 12.86
CA ALA B 304 22.72 -15.14 12.91
C ALA B 304 22.14 -15.68 11.59
N MET B 305 21.17 -14.96 11.01
CA MET B 305 20.58 -15.32 9.75
C MET B 305 21.67 -15.35 8.66
N ASN B 306 22.46 -14.29 8.56
CA ASN B 306 23.50 -14.23 7.56
C ASN B 306 24.50 -15.37 7.76
N HIS B 307 24.85 -15.66 9.00
CA HIS B 307 25.81 -16.78 9.27
C HIS B 307 25.22 -18.08 8.72
N TYR B 308 23.93 -18.34 8.96
CA TYR B 308 23.30 -19.56 8.50
C TYR B 308 23.25 -19.62 6.98
N LEU B 309 22.97 -18.48 6.34
CA LEU B 309 22.94 -18.43 4.91
C LEU B 309 24.33 -18.78 4.36
N ASP B 310 25.37 -18.20 4.98
CA ASP B 310 26.72 -18.48 4.52
C ASP B 310 26.97 -20.00 4.52
N ASP B 311 26.54 -20.68 5.58
CA ASP B 311 26.69 -22.16 5.61
C ASP B 311 25.84 -22.84 4.52
N ASN B 312 24.65 -22.32 4.22
CA ASN B 312 23.89 -22.87 3.12
C ASN B 312 24.66 -22.71 1.79
N PHE B 313 25.24 -21.54 1.55
CA PHE B 313 25.97 -21.31 0.28
C PHE B 313 27.18 -22.26 0.22
N ASN B 314 27.85 -22.47 1.34
CA ASN B 314 29.01 -23.39 1.35
C ASN B 314 28.54 -24.80 0.99
N TYR B 315 27.42 -25.26 1.55
CA TYR B 315 26.90 -26.57 1.21
C TYR B 315 26.54 -26.65 -0.27
N LEU B 316 25.83 -25.63 -0.78
CA LEU B 316 25.44 -25.58 -2.18
C LEU B 316 26.68 -25.67 -3.06
N ALA B 317 27.73 -24.94 -2.70
CA ALA B 317 28.94 -24.93 -3.55
C ALA B 317 29.53 -26.35 -3.62
N ASP B 318 29.66 -27.01 -2.48
CA ASP B 318 30.20 -28.38 -2.43
C ASP B 318 29.27 -29.34 -3.21
N PHE B 319 27.96 -29.18 -3.04
CA PHE B 319 27.00 -30.03 -3.71
C PHE B 319 27.17 -29.97 -5.22
N LEU B 320 27.22 -28.75 -5.77
CA LEU B 320 27.37 -28.56 -7.22
C LEU B 320 28.70 -29.17 -7.70
N GLU B 321 29.80 -28.91 -7.01
CA GLU B 321 31.15 -29.45 -7.36
C GLU B 321 31.09 -30.97 -7.53
N LYS B 322 30.43 -31.64 -6.59
CA LYS B 322 30.34 -33.11 -6.57
C LYS B 322 29.31 -33.61 -7.58
N GLU B 323 28.09 -33.05 -7.57
CA GLU B 323 26.96 -33.69 -8.22
C GLU B 323 26.61 -33.10 -9.60
N LEU B 324 26.96 -31.83 -9.86
CA LEU B 324 26.78 -31.19 -11.15
C LEU B 324 28.06 -30.47 -11.55
N PRO B 325 29.15 -31.22 -11.78
CA PRO B 325 30.45 -30.58 -11.97
C PRO B 325 30.56 -29.66 -13.20
N HIS B 326 29.66 -29.80 -14.16
CA HIS B 326 29.65 -29.01 -15.35
C HIS B 326 28.82 -27.73 -15.12
N ALA B 327 28.09 -27.60 -14.00
CA ALA B 327 27.46 -26.31 -13.70
C ALA B 327 28.55 -25.31 -13.28
N GLU B 328 28.25 -24.02 -13.45
CA GLU B 328 29.17 -22.96 -13.05
C GLU B 328 28.45 -22.06 -12.05
N PHE B 329 29.12 -21.91 -10.91
CA PHE B 329 28.56 -21.15 -9.82
C PHE B 329 29.68 -20.48 -9.06
N LYS B 330 29.47 -19.21 -8.72
CA LYS B 330 30.31 -18.58 -7.77
C LYS B 330 29.45 -18.13 -6.58
N ILE B 331 29.95 -18.41 -5.36
CA ILE B 331 29.20 -17.96 -4.18
C ILE B 331 29.07 -16.45 -4.28
N PRO B 332 27.84 -15.92 -4.26
CA PRO B 332 27.69 -14.48 -4.40
C PRO B 332 28.10 -13.72 -3.13
N GLU B 333 28.54 -12.48 -3.34
CA GLU B 333 28.91 -11.68 -2.22
C GLU B 333 27.69 -11.23 -1.40
N ALA B 334 26.52 -11.10 -2.01
CA ALA B 334 25.32 -10.62 -1.31
C ALA B 334 24.12 -11.43 -1.79
N THR B 335 22.97 -11.20 -1.14
CA THR B 335 21.67 -11.83 -1.40
C THR B 335 21.68 -13.28 -0.87
N TYR B 336 20.48 -13.84 -0.78
CA TYR B 336 20.25 -15.26 -0.46
C TYR B 336 19.89 -16.04 -1.73
N LEU B 337 20.34 -15.56 -2.86
CA LEU B 337 19.99 -16.11 -4.18
C LEU B 337 21.25 -16.64 -4.88
N ALA B 338 21.21 -17.91 -5.26
CA ALA B 338 22.29 -18.52 -6.00
C ALA B 338 21.96 -18.45 -7.50
N TRP B 339 22.92 -18.04 -8.31
CA TRP B 339 22.79 -17.92 -9.72
C TRP B 339 23.69 -19.00 -10.35
N VAL B 340 23.06 -19.93 -11.06
CA VAL B 340 23.74 -21.14 -11.51
C VAL B 340 23.61 -21.28 -13.03
N ASP B 341 24.77 -21.40 -13.68
CA ASP B 341 24.84 -21.63 -15.13
C ASP B 341 24.76 -23.14 -15.41
N LEU B 342 23.67 -23.54 -16.05
CA LEU B 342 23.36 -24.94 -16.43
C LEU B 342 23.41 -25.13 -17.94
N SER B 343 24.06 -24.21 -18.66
CA SER B 343 24.19 -24.23 -20.12
C SER B 343 24.61 -25.62 -20.61
N TYR B 344 25.49 -26.30 -19.87
CA TYR B 344 26.03 -27.59 -20.29
C TYR B 344 24.90 -28.63 -20.39
N TYR B 345 23.95 -28.58 -19.43
CA TYR B 345 22.95 -29.60 -19.22
C TYR B 345 21.72 -29.35 -20.09
N ILE B 346 21.43 -28.07 -20.38
CA ILE B 346 20.24 -27.65 -21.16
C ILE B 346 20.32 -28.21 -22.59
N LYS B 347 19.31 -29.03 -22.95
CA LYS B 347 19.01 -29.50 -24.34
C LYS B 347 17.59 -29.03 -24.76
N GLU B 353 11.13 -25.41 -23.75
CA GLU B 353 10.29 -24.69 -22.76
C GLU B 353 11.17 -24.02 -21.69
N SER B 354 10.60 -23.01 -21.04
CA SER B 354 11.29 -22.19 -19.99
C SER B 354 11.85 -23.11 -18.90
N MET B 355 12.99 -22.71 -18.31
CA MET B 355 13.64 -23.58 -17.34
C MET B 355 12.75 -23.71 -16.10
N ALA B 356 11.93 -22.66 -15.84
CA ALA B 356 11.04 -22.75 -14.67
C ALA B 356 10.02 -23.85 -14.91
N LYS B 357 9.49 -23.88 -16.14
CA LYS B 357 8.53 -24.91 -16.50
C LYS B 357 9.23 -26.28 -16.48
N PHE B 358 10.44 -26.34 -17.05
CA PHE B 358 11.22 -27.59 -17.04
C PHE B 358 11.37 -28.13 -15.62
N PHE B 359 11.78 -27.30 -14.63
CA PHE B 359 12.10 -27.83 -13.34
C PHE B 359 10.84 -28.16 -12.53
N ILE B 360 9.75 -27.41 -12.77
CA ILE B 360 8.50 -27.80 -12.12
C ILE B 360 8.09 -29.18 -12.62
N LYS B 361 8.16 -29.39 -13.93
CA LYS B 361 7.60 -30.60 -14.59
C LYS B 361 8.50 -31.81 -14.31
N ASN B 362 9.82 -31.60 -14.30
CA ASN B 362 10.80 -32.71 -14.30
C ASN B 362 11.48 -32.90 -12.94
N ALA B 363 11.49 -31.86 -12.08
CA ALA B 363 12.14 -31.94 -10.74
C ALA B 363 11.16 -31.78 -9.57
N GLY B 364 9.98 -31.18 -9.83
CA GLY B 364 9.10 -30.79 -8.80
C GLY B 364 9.76 -29.72 -7.92
N VAL B 365 10.54 -28.84 -8.55
CA VAL B 365 11.16 -27.70 -7.85
C VAL B 365 10.82 -26.43 -8.59
N ILE B 366 10.49 -25.36 -7.82
CA ILE B 366 10.16 -24.05 -8.41
C ILE B 366 11.39 -23.15 -8.26
N ILE B 367 11.94 -22.76 -9.40
CA ILE B 367 13.08 -21.79 -9.43
C ILE B 367 12.67 -20.66 -10.37
N GLU B 368 13.56 -19.69 -10.59
CA GLU B 368 13.39 -18.70 -11.58
C GLU B 368 14.45 -18.92 -12.64
N GLY B 369 14.09 -18.66 -13.90
CA GLY B 369 14.99 -18.89 -15.00
C GLY B 369 15.27 -17.65 -15.77
N ALA B 370 15.88 -17.87 -16.93
CA ALA B 370 16.29 -16.76 -17.76
C ALA B 370 15.14 -15.78 -18.06
N GLU B 371 13.92 -16.30 -18.31
CA GLU B 371 12.78 -15.48 -18.70
C GLU B 371 12.35 -14.46 -17.61
N GLN B 372 12.88 -14.62 -16.40
CA GLN B 372 12.53 -13.78 -15.27
C GLN B 372 13.52 -12.62 -15.13
N PHE B 373 14.63 -12.62 -15.90
CA PHE B 373 15.75 -11.65 -15.67
C PHE B 373 16.09 -10.81 -16.89
N VAL B 374 15.12 -10.61 -17.78
CA VAL B 374 15.10 -9.58 -18.80
C VAL B 374 15.98 -9.92 -20.00
N HIS B 375 17.29 -10.12 -19.81
CA HIS B 375 18.25 -10.24 -20.87
C HIS B 375 19.57 -10.79 -20.31
N ASN B 376 20.40 -11.37 -21.17
CA ASN B 376 21.73 -11.82 -20.77
C ASN B 376 21.67 -12.83 -19.63
N ALA B 377 20.70 -13.75 -19.68
CA ALA B 377 20.55 -14.75 -18.62
C ALA B 377 20.48 -16.19 -19.16
N GLU B 378 20.69 -16.34 -20.47
CA GLU B 378 20.55 -17.66 -21.09
C GLU B 378 21.27 -18.73 -20.26
N GLY B 379 20.57 -19.85 -20.04
CA GLY B 379 21.09 -21.07 -19.44
C GLY B 379 21.20 -21.05 -17.91
N HIS B 380 20.81 -19.93 -17.28
CA HIS B 380 20.89 -19.82 -15.85
C HIS B 380 19.56 -20.06 -15.16
N ILE B 381 19.66 -20.53 -13.92
CA ILE B 381 18.57 -20.45 -12.93
C ILE B 381 19.02 -19.66 -11.70
N ARG B 382 18.02 -19.17 -11.00
CA ARG B 382 18.19 -18.50 -9.69
C ARG B 382 17.49 -19.38 -8.64
N ILE B 383 18.26 -19.77 -7.65
CA ILE B 383 17.81 -20.64 -6.57
C ILE B 383 17.78 -19.81 -5.27
N ASN B 384 16.59 -19.72 -4.63
CA ASN B 384 16.44 -19.12 -3.34
C ASN B 384 16.89 -20.11 -2.26
N ILE B 385 17.94 -19.78 -1.48
CA ILE B 385 18.40 -20.70 -0.48
C ILE B 385 18.22 -20.15 0.94
N ALA B 386 17.30 -19.19 1.10
CA ALA B 386 16.90 -18.71 2.43
C ALA B 386 15.79 -19.63 2.97
N VAL B 387 16.16 -20.91 3.13
CA VAL B 387 15.32 -21.96 3.56
C VAL B 387 16.15 -22.82 4.51
N PRO B 388 15.52 -23.68 5.35
CA PRO B 388 16.28 -24.63 6.14
C PRO B 388 17.19 -25.48 5.24
N ARG B 389 18.39 -25.72 5.75
CA ARG B 389 19.39 -26.54 5.06
C ARG B 389 18.74 -27.84 4.55
N GLU B 390 17.87 -28.46 5.34
CA GLU B 390 17.23 -29.75 4.89
C GLU B 390 16.35 -29.59 3.65
N VAL B 391 15.63 -28.47 3.51
CA VAL B 391 14.78 -28.22 2.39
C VAL B 391 15.68 -27.97 1.17
N MET B 392 16.75 -27.19 1.35
CA MET B 392 17.65 -26.88 0.28
C MET B 392 18.25 -28.20 -0.27
N LYS B 393 18.63 -29.09 0.64
CA LYS B 393 19.22 -30.38 0.21
C LYS B 393 18.22 -31.16 -0.67
N LYS B 394 16.97 -31.26 -0.23
CA LYS B 394 15.95 -31.97 -0.99
C LYS B 394 15.77 -31.36 -2.39
N GLY B 395 15.71 -30.03 -2.48
CA GLY B 395 15.56 -29.35 -3.76
C GLY B 395 16.73 -29.58 -4.71
N LEU B 396 17.96 -29.46 -4.19
CA LEU B 396 19.16 -29.63 -4.97
C LEU B 396 19.24 -31.06 -5.54
N GLN B 397 18.84 -32.02 -4.72
CA GLN B 397 18.82 -33.46 -5.17
C GLN B 397 17.90 -33.64 -6.39
N LYS B 398 16.74 -32.98 -6.39
CA LYS B 398 15.77 -33.08 -7.45
C LYS B 398 16.22 -32.36 -8.72
N ILE B 399 16.82 -31.17 -8.55
CA ILE B 399 17.38 -30.45 -9.65
C ILE B 399 18.44 -31.33 -10.34
N LYS B 400 19.28 -31.95 -9.52
CA LYS B 400 20.40 -32.75 -10.06
C LYS B 400 19.84 -33.92 -10.88
N ALA B 401 18.87 -34.66 -10.32
CA ALA B 401 18.25 -35.80 -11.02
C ALA B 401 17.72 -35.41 -12.42
N ALA B 402 17.09 -34.24 -12.54
CA ALA B 402 16.47 -33.83 -13.77
C ALA B 402 17.51 -33.47 -14.85
N LEU B 403 18.67 -32.94 -14.45
CA LEU B 403 19.66 -32.44 -15.44
C LEU B 403 20.48 -33.60 -16.02
N VAL B 404 20.76 -34.62 -15.20
CA VAL B 404 21.64 -35.75 -15.58
C VAL B 404 20.85 -36.67 -16.51
N1 LCS C . -14.57 7.40 0.57
C2 LCS C . -15.32 8.14 1.38
C2A LCS C . -16.68 8.61 0.97
C3 LCS C . -14.84 8.55 2.70
O3 LCS C . -15.65 9.29 3.45
C4 LCS C . -13.49 8.05 3.09
C4A LCS C . -12.83 8.37 4.41
C5 LCS C . -12.78 7.21 2.09
C6 LCS C . -13.39 6.93 0.89
C5A LCS C . -11.39 6.67 2.30
O4P LCS C . -11.35 5.53 3.13
P LCS C . -10.09 4.54 3.24
O1P LCS C . -8.94 5.48 3.09
O2P LCS C . -10.34 3.99 4.56
O3P LCS C . -10.19 3.57 2.17
N LCS C . -13.30 9.58 5.06
CA LCS C . -12.35 10.58 5.47
C LCS C . -12.91 11.80 6.10
O LCS C . -13.94 12.23 5.72
ND LCS C . -12.09 12.26 7.05
OG LCS C . -11.11 11.37 7.15
CB LCS C . -11.29 10.16 6.44
N1 LCS D . 14.42 -4.18 -5.76
C2 LCS D . 15.17 -5.29 -5.95
C2A LCS D . 16.54 -5.23 -6.58
C3 LCS D . 14.67 -6.60 -5.57
O3 LCS D . 15.46 -7.63 -5.83
C4 LCS D . 13.33 -6.67 -4.97
C4A LCS D . 12.61 -7.92 -4.52
C5 LCS D . 12.63 -5.38 -4.80
C6 LCS D . 13.24 -4.20 -5.20
C5A LCS D . 11.25 -5.32 -4.22
O4P LCS D . 11.26 -5.34 -2.81
P LCS D . 9.99 -4.97 -1.93
O1P LCS D . 10.11 -3.57 -1.51
O2P LCS D . 10.07 -5.86 -0.77
O3P LCS D . 8.95 -5.27 -2.93
N LCS D . 13.06 -9.15 -5.13
CA LCS D . 12.12 -10.00 -5.82
C LCS D . 12.78 -11.15 -6.46
O LCS D . 13.87 -10.98 -6.88
ND LCS D . 12.03 -12.24 -6.49
OG LCS D . 10.93 -11.91 -5.88
CB LCS D . 11.02 -10.73 -5.08
#